data_5D4U
#
_entry.id   5D4U
#
_cell.length_a   86.290
_cell.length_b   70.520
_cell.length_c   91.230
_cell.angle_alpha   90.000
_cell.angle_beta   105.210
_cell.angle_gamma   90.000
#
_symmetry.space_group_name_H-M   'P 1 21 1'
#
loop_
_entity.id
_entity.type
_entity.pdbx_description
1 polymer 'Uncharacterized protein MJ0489'
2 non-polymer S-ADENOSYLMETHIONINE
3 non-polymer 'SULFATE ION'
4 water water
#
_entity_poly.entity_id   1
_entity_poly.type   'polypeptide(L)'
_entity_poly.pdbx_seq_one_letter_code
;MGCGIMKYGITEMVKTIDTKTRVVDVTNEIAKKKYQAIRDFLEGEEFKEVVIFGVYLWGNYTAQMLSKYADKVYLVDIHE
FMKGFVPNNNSIKFLNLNEFKLKFIRGEVNPDLIVDLTGLGGIEPEFLAKFNPKVFIVEDPKGVFDVDIYEADNTYKRTA
PFIEKAKVGVLKTYRKARVSKTSGTMTLTIDTIVDASREITSLDGVLYAIPNLRYYEGILFHENDIHKFLSEISQPAITI
STLNDVLDEAEEILSNNINLIYSFVEEL
;
_entity_poly.pdbx_strand_id   A,B,C,D
#
loop_
_chem_comp.id
_chem_comp.type
_chem_comp.name
_chem_comp.formula
SAM non-polymer S-ADENOSYLMETHIONINE 'C15 H22 N6 O5 S'
SO4 non-polymer 'SULFATE ION' 'O4 S -2'
#
# COMPACT_ATOMS: atom_id res chain seq x y z
N GLU A 12 -25.49 -21.24 3.11
CA GLU A 12 -24.41 -20.55 2.43
C GLU A 12 -23.72 -19.55 3.38
N MET A 13 -22.47 -19.83 3.73
CA MET A 13 -21.76 -18.80 4.50
C MET A 13 -20.98 -17.93 3.53
N VAL A 14 -20.36 -18.57 2.53
CA VAL A 14 -19.59 -17.85 1.54
C VAL A 14 -20.47 -17.48 0.37
N LYS A 15 -20.49 -16.19 0.03
CA LYS A 15 -21.32 -15.73 -1.06
C LYS A 15 -20.49 -15.21 -2.22
N THR A 16 -21.17 -15.00 -3.34
CA THR A 16 -20.60 -14.45 -4.56
C THR A 16 -21.37 -13.23 -4.99
N ILE A 17 -20.66 -12.11 -5.09
CA ILE A 17 -21.32 -10.89 -5.49
C ILE A 17 -20.58 -10.24 -6.65
N ASP A 18 -21.29 -10.08 -7.76
CA ASP A 18 -20.79 -9.29 -8.87
C ASP A 18 -21.22 -7.85 -8.65
N THR A 19 -20.34 -6.90 -8.94
CA THR A 19 -20.73 -5.51 -8.91
C THR A 19 -21.73 -5.26 -10.04
N LYS A 20 -22.65 -4.34 -9.80
CA LYS A 20 -23.60 -3.95 -10.83
C LYS A 20 -22.89 -3.07 -11.84
N THR A 21 -21.92 -2.33 -11.36
CA THR A 21 -21.04 -1.54 -12.22
C THR A 21 -20.22 -2.47 -13.10
N ARG A 22 -20.28 -2.23 -14.40
CA ARG A 22 -19.52 -3.01 -15.36
C ARG A 22 -18.24 -2.27 -15.76
N VAL A 23 -17.34 -2.96 -16.45
CA VAL A 23 -16.13 -2.32 -16.94
C VAL A 23 -16.49 -1.15 -17.85
N VAL A 24 -17.49 -1.35 -18.71
CA VAL A 24 -17.90 -0.33 -19.65
C VAL A 24 -18.52 0.88 -18.93
N ASP A 25 -19.14 0.64 -17.78
CA ASP A 25 -19.70 1.73 -16.99
C ASP A 25 -18.58 2.62 -16.48
N VAL A 26 -17.46 2.01 -16.11
CA VAL A 26 -16.30 2.74 -15.66
C VAL A 26 -15.71 3.57 -16.79
N THR A 27 -15.57 2.96 -17.96
CA THR A 27 -15.05 3.66 -19.13
C THR A 27 -15.96 4.81 -19.55
N ASN A 28 -17.28 4.59 -19.46
CA ASN A 28 -18.24 5.62 -19.79
C ASN A 28 -18.14 6.83 -18.86
N GLU A 29 -18.01 6.56 -17.56
CA GLU A 29 -17.89 7.62 -16.57
C GLU A 29 -16.63 8.46 -16.80
N ILE A 30 -15.53 7.78 -17.14
CA ILE A 30 -14.27 8.47 -17.40
C ILE A 30 -14.38 9.30 -18.68
N ALA A 31 -15.03 8.73 -19.69
CA ALA A 31 -15.25 9.43 -20.94
C ALA A 31 -16.08 10.71 -20.73
N LYS A 32 -17.06 10.63 -19.83
CA LYS A 32 -17.90 11.77 -19.53
C LYS A 32 -17.12 12.90 -18.85
N LYS A 33 -16.23 12.53 -17.95
CA LYS A 33 -15.37 13.51 -17.28
C LYS A 33 -14.46 14.19 -18.29
N LYS A 34 -13.91 13.40 -19.23
CA LYS A 34 -13.04 13.94 -20.25
C LYS A 34 -13.76 14.95 -21.15
N TYR A 35 -14.96 14.59 -21.59
CA TYR A 35 -15.71 15.49 -22.46
C TYR A 35 -16.15 16.73 -21.69
N GLN A 36 -16.48 16.53 -20.40
CA GLN A 36 -16.88 17.63 -19.53
C GLN A 36 -15.78 18.68 -19.45
N ALA A 37 -14.53 18.23 -19.45
CA ALA A 37 -13.38 19.15 -19.45
C ALA A 37 -13.34 19.94 -20.75
N ILE A 38 -13.60 19.25 -21.86
CA ILE A 38 -13.66 19.89 -23.16
C ILE A 38 -14.80 20.91 -23.22
N ARG A 39 -15.95 20.55 -22.68
CA ARG A 39 -17.13 21.42 -22.71
C ARG A 39 -16.89 22.70 -21.92
N ASP A 40 -16.20 22.56 -20.80
CA ASP A 40 -15.83 23.71 -19.98
C ASP A 40 -14.88 24.61 -20.75
N PHE A 41 -13.98 24.00 -21.51
CA PHE A 41 -13.00 24.74 -22.30
C PHE A 41 -13.64 25.50 -23.46
N LEU A 42 -14.53 24.83 -24.19
CA LEU A 42 -15.14 25.42 -25.37
C LEU A 42 -16.24 26.45 -25.06
N GLU A 43 -16.89 26.29 -23.91
CA GLU A 43 -17.92 27.23 -23.45
C GLU A 43 -19.06 27.42 -24.44
N GLY A 44 -19.41 26.37 -25.18
CA GLY A 44 -20.53 26.41 -26.07
C GLY A 44 -20.29 27.08 -27.42
N GLU A 45 -19.03 27.29 -27.77
CA GLU A 45 -18.69 27.82 -29.09
C GLU A 45 -19.19 26.89 -30.19
N GLU A 46 -19.72 27.46 -31.28
CA GLU A 46 -20.18 26.63 -32.39
C GLU A 46 -19.18 26.64 -33.53
N PHE A 47 -19.16 25.55 -34.29
CA PHE A 47 -18.20 25.34 -35.35
C PHE A 47 -18.89 24.90 -36.61
N LYS A 48 -18.25 25.16 -37.74
CA LYS A 48 -18.76 24.73 -39.03
C LYS A 48 -18.41 23.27 -39.27
N GLU A 49 -17.18 22.90 -38.91
CA GLU A 49 -16.63 21.59 -39.24
C GLU A 49 -15.66 21.09 -38.18
N VAL A 50 -16.00 19.97 -37.55
CA VAL A 50 -15.15 19.37 -36.54
C VAL A 50 -14.47 18.11 -37.06
N VAL A 51 -13.16 17.99 -36.80
CA VAL A 51 -12.43 16.77 -37.10
C VAL A 51 -11.83 16.19 -35.82
N ILE A 52 -12.19 14.94 -35.52
CA ILE A 52 -11.65 14.24 -34.36
C ILE A 52 -10.79 13.06 -34.81
N PHE A 53 -9.55 13.02 -34.34
CA PHE A 53 -8.65 11.92 -34.65
C PHE A 53 -8.60 10.91 -33.51
N GLY A 54 -8.96 9.67 -33.81
CA GLY A 54 -8.88 8.59 -32.83
C GLY A 54 -10.21 8.19 -32.23
N VAL A 55 -10.72 7.04 -32.64
CA VAL A 55 -12.01 6.56 -32.17
C VAL A 55 -11.89 5.89 -30.80
N TYR A 56 -10.89 5.03 -30.66
CA TYR A 56 -10.66 4.32 -29.39
C TYR A 56 -10.00 5.30 -28.42
N LEU A 57 -10.57 5.44 -27.22
CA LEU A 57 -11.76 4.70 -26.81
C LEU A 57 -13.00 5.59 -26.67
N TRP A 58 -12.80 6.91 -26.66
CA TRP A 58 -13.91 7.83 -26.43
C TRP A 58 -14.09 8.83 -27.58
N GLY A 59 -13.63 8.46 -28.76
CA GLY A 59 -13.77 9.30 -29.94
C GLY A 59 -15.20 9.44 -30.43
N ASN A 60 -15.94 8.34 -30.42
CA ASN A 60 -17.33 8.36 -30.88
C ASN A 60 -18.21 9.22 -30.00
N TYR A 61 -18.06 9.09 -28.68
CA TYR A 61 -18.79 9.90 -27.73
C TYR A 61 -18.53 11.39 -27.94
N THR A 62 -17.26 11.74 -28.09
CA THR A 62 -16.86 13.11 -28.38
C THR A 62 -17.55 13.63 -29.64
N ALA A 63 -17.56 12.80 -30.66
CA ALA A 63 -18.18 13.14 -31.94
C ALA A 63 -19.68 13.36 -31.79
N GLN A 64 -20.32 12.49 -31.01
CA GLN A 64 -21.77 12.54 -30.83
C GLN A 64 -22.17 13.81 -30.08
N MET A 65 -21.37 14.17 -29.08
CA MET A 65 -21.63 15.35 -28.26
C MET A 65 -21.35 16.67 -28.99
N LEU A 66 -20.25 16.72 -29.75
CA LEU A 66 -19.87 17.94 -30.44
C LEU A 66 -20.78 18.21 -31.64
N SER A 67 -21.50 17.18 -32.08
CA SER A 67 -22.36 17.28 -33.25
C SER A 67 -23.53 18.23 -33.05
N LYS A 68 -23.91 18.46 -31.79
CA LYS A 68 -24.99 19.40 -31.50
C LYS A 68 -24.50 20.85 -31.60
N TYR A 69 -23.18 21.03 -31.57
CA TYR A 69 -22.58 22.36 -31.66
C TYR A 69 -21.87 22.59 -33.00
N ALA A 70 -22.00 21.63 -33.93
CA ALA A 70 -21.30 21.72 -35.20
C ALA A 70 -22.18 21.29 -36.37
N ASP A 71 -21.99 21.95 -37.53
CA ASP A 71 -22.72 21.60 -38.74
C ASP A 71 -22.24 20.28 -39.33
N LYS A 72 -20.93 20.04 -39.22
CA LYS A 72 -20.34 18.82 -39.75
C LYS A 72 -19.29 18.29 -38.79
N VAL A 73 -19.31 16.97 -38.55
CA VAL A 73 -18.34 16.33 -37.68
C VAL A 73 -17.71 15.11 -38.35
N TYR A 74 -16.39 15.13 -38.49
CA TYR A 74 -15.66 13.98 -39.02
C TYR A 74 -14.92 13.26 -37.90
N LEU A 75 -15.06 11.93 -37.88
CA LEU A 75 -14.32 11.10 -36.93
C LEU A 75 -13.33 10.23 -37.70
N VAL A 76 -12.05 10.46 -37.47
CA VAL A 76 -11.01 9.88 -38.30
C VAL A 76 -10.10 8.92 -37.53
N ASP A 77 -9.82 7.76 -38.11
CA ASP A 77 -8.94 6.77 -37.50
C ASP A 77 -8.05 6.12 -38.54
N ILE A 78 -6.83 5.76 -38.16
CA ILE A 78 -5.90 5.10 -39.06
C ILE A 78 -6.35 3.68 -39.39
N HIS A 79 -7.17 3.11 -38.52
CA HIS A 79 -7.70 1.77 -38.73
C HIS A 79 -9.16 1.80 -39.20
N GLU A 80 -9.41 1.19 -40.35
CA GLU A 80 -10.74 1.17 -40.95
C GLU A 80 -11.77 0.42 -40.09
N PHE A 81 -11.34 -0.65 -39.43
CA PHE A 81 -12.27 -1.48 -38.66
C PHE A 81 -12.87 -0.75 -37.47
N MET A 82 -12.26 0.37 -37.09
CA MET A 82 -12.77 1.18 -35.98
C MET A 82 -14.14 1.77 -36.31
N LYS A 83 -14.50 1.74 -37.59
CA LYS A 83 -15.83 2.19 -38.04
C LYS A 83 -16.95 1.45 -37.32
N GLY A 84 -16.69 0.21 -36.93
CA GLY A 84 -17.65 -0.60 -36.21
C GLY A 84 -18.13 0.03 -34.91
N PHE A 85 -17.32 0.93 -34.35
CA PHE A 85 -17.69 1.61 -33.11
C PHE A 85 -18.55 2.85 -33.38
N VAL A 86 -18.70 3.19 -34.66
CA VAL A 86 -19.46 4.38 -35.05
C VAL A 86 -20.81 4.01 -35.63
N PRO A 87 -21.90 4.26 -34.87
CA PRO A 87 -23.22 3.90 -35.40
C PRO A 87 -23.57 4.66 -36.68
N ASN A 88 -24.45 4.03 -37.46
CA ASN A 88 -24.64 4.36 -38.88
C ASN A 88 -25.49 5.55 -39.36
N ASN A 89 -25.82 6.47 -38.47
CA ASN A 89 -26.58 7.68 -38.85
C ASN A 89 -26.41 8.83 -37.85
N ASN A 90 -26.06 10.02 -38.35
CA ASN A 90 -25.98 11.27 -37.58
C ASN A 90 -25.15 12.29 -38.34
N SER A 91 -25.14 13.54 -37.88
CA SER A 91 -24.22 14.56 -38.39
C SER A 91 -22.77 14.05 -38.54
N ILE A 92 -22.48 12.87 -37.98
CA ILE A 92 -21.14 12.29 -37.98
C ILE A 92 -20.80 11.40 -39.16
N LYS A 93 -19.64 11.67 -39.75
CA LYS A 93 -19.10 10.88 -40.85
C LYS A 93 -17.79 10.22 -40.44
N PHE A 94 -17.70 8.90 -40.57
CA PHE A 94 -16.43 8.22 -40.29
C PHE A 94 -15.60 8.16 -41.54
N LEU A 95 -14.30 8.43 -41.39
CA LEU A 95 -13.34 8.29 -42.46
C LEU A 95 -12.06 7.67 -41.91
N ASN A 96 -11.45 6.78 -42.68
CA ASN A 96 -10.10 6.35 -42.33
C ASN A 96 -9.14 7.47 -42.69
N LEU A 97 -7.92 7.41 -42.17
CA LEU A 97 -6.97 8.52 -42.32
C LEU A 97 -6.67 8.85 -43.78
N ASN A 98 -6.51 7.81 -44.60
CA ASN A 98 -6.23 8.01 -46.02
C ASN A 98 -7.37 8.74 -46.73
N GLU A 99 -8.60 8.37 -46.40
CA GLU A 99 -9.76 9.04 -46.97
C GLU A 99 -9.78 10.51 -46.57
N PHE A 100 -9.43 10.79 -45.31
CA PHE A 100 -9.42 12.16 -44.82
C PHE A 100 -8.34 13.00 -45.52
N LYS A 101 -7.15 12.42 -45.65
CA LYS A 101 -6.05 13.08 -46.35
C LYS A 101 -6.41 13.42 -47.79
N LEU A 102 -7.07 12.48 -48.46
CA LEU A 102 -7.49 12.66 -49.85
C LEU A 102 -8.47 13.82 -50.01
N LYS A 103 -9.46 13.87 -49.15
CA LYS A 103 -10.45 14.96 -49.17
C LYS A 103 -9.79 16.30 -48.88
N PHE A 104 -8.80 16.27 -48.00
CA PHE A 104 -8.06 17.47 -47.62
C PHE A 104 -7.30 18.04 -48.82
N ILE A 105 -6.62 17.14 -49.54
CA ILE A 105 -5.87 17.53 -50.74
C ILE A 105 -6.83 18.12 -51.77
N ARG A 106 -8.05 17.61 -51.80
CA ARG A 106 -9.07 18.09 -52.72
C ARG A 106 -9.73 19.37 -52.23
N GLY A 107 -9.35 19.82 -51.04
CA GLY A 107 -9.91 21.02 -50.46
C GLY A 107 -11.37 20.85 -50.08
N GLU A 108 -11.75 19.64 -49.68
CA GLU A 108 -13.13 19.33 -49.36
C GLU A 108 -13.38 19.37 -47.86
N VAL A 109 -12.31 19.53 -47.09
CA VAL A 109 -12.43 19.69 -45.65
C VAL A 109 -11.51 20.81 -45.17
N ASN A 110 -11.99 21.59 -44.21
CA ASN A 110 -11.23 22.69 -43.65
C ASN A 110 -11.77 23.03 -42.26
N PRO A 111 -11.46 22.16 -41.29
CA PRO A 111 -12.06 22.23 -39.95
C PRO A 111 -11.63 23.45 -39.15
N ASP A 112 -12.57 24.06 -38.43
CA ASP A 112 -12.25 25.16 -37.53
C ASP A 112 -12.04 24.64 -36.11
N LEU A 113 -12.41 23.37 -35.88
CA LEU A 113 -12.06 22.68 -34.65
C LEU A 113 -11.41 21.33 -34.93
N ILE A 114 -10.23 21.12 -34.34
CA ILE A 114 -9.55 19.84 -34.46
C ILE A 114 -9.27 19.25 -33.08
N VAL A 115 -9.67 18.00 -32.90
CA VAL A 115 -9.44 17.29 -31.64
C VAL A 115 -8.59 16.05 -31.87
N ASP A 116 -7.40 16.02 -31.27
CA ASP A 116 -6.48 14.90 -31.44
C ASP A 116 -6.47 13.99 -30.21
N LEU A 117 -7.02 12.79 -30.36
CA LEU A 117 -7.10 11.83 -29.27
C LEU A 117 -6.22 10.60 -29.49
N THR A 118 -5.29 10.71 -30.44
CA THR A 118 -4.53 9.54 -30.89
C THR A 118 -3.45 9.09 -29.90
N GLY A 119 -2.95 10.01 -29.09
CA GLY A 119 -1.99 9.67 -28.06
C GLY A 119 -0.62 9.28 -28.58
N LEU A 120 0.05 8.38 -27.85
CA LEU A 120 1.41 7.97 -28.15
C LEU A 120 1.54 7.34 -29.54
N GLY A 121 2.51 7.82 -30.31
CA GLY A 121 2.73 7.31 -31.65
C GLY A 121 1.59 7.63 -32.59
N GLY A 122 0.82 8.66 -32.26
CA GLY A 122 -0.37 8.99 -33.01
C GLY A 122 -0.11 9.89 -34.21
N ILE A 123 -1.00 10.84 -34.44
CA ILE A 123 -0.93 11.70 -35.60
C ILE A 123 0.32 12.58 -35.57
N GLU A 124 0.87 12.85 -36.74
CA GLU A 124 2.10 13.61 -36.90
C GLU A 124 1.85 15.13 -36.89
N PRO A 125 2.69 15.90 -36.18
CA PRO A 125 2.64 17.35 -36.13
C PRO A 125 2.73 17.98 -37.51
N GLU A 126 3.56 17.37 -38.34
CA GLU A 126 3.70 17.80 -39.74
C GLU A 126 2.36 17.87 -40.46
N PHE A 127 1.55 16.83 -40.30
CA PHE A 127 0.25 16.74 -40.94
C PHE A 127 -0.72 17.76 -40.36
N LEU A 128 -0.72 17.86 -39.03
CA LEU A 128 -1.55 18.82 -38.33
C LEU A 128 -1.24 20.25 -38.77
N ALA A 129 0.04 20.52 -39.03
CA ALA A 129 0.49 21.87 -39.39
C ALA A 129 -0.11 22.37 -40.71
N LYS A 130 -0.66 21.48 -41.52
CA LYS A 130 -1.29 21.87 -42.79
C LYS A 130 -2.64 22.53 -42.61
N PHE A 131 -3.20 22.44 -41.41
CA PHE A 131 -4.55 22.94 -41.20
C PHE A 131 -4.56 24.29 -40.51
N ASN A 132 -5.72 24.96 -40.54
CA ASN A 132 -5.86 26.26 -39.93
C ASN A 132 -7.14 26.37 -39.10
N PRO A 133 -7.21 25.63 -37.99
CA PRO A 133 -8.42 25.65 -37.17
C PRO A 133 -8.52 26.90 -36.32
N LYS A 134 -9.72 27.21 -35.88
CA LYS A 134 -9.94 28.26 -34.91
C LYS A 134 -9.55 27.76 -33.52
N VAL A 135 -9.83 26.49 -33.27
CA VAL A 135 -9.54 25.85 -31.99
C VAL A 135 -8.86 24.50 -32.19
N PHE A 136 -7.78 24.25 -31.46
CA PHE A 136 -7.11 22.96 -31.50
C PHE A 136 -6.98 22.34 -30.12
N ILE A 137 -7.48 21.12 -29.97
CA ILE A 137 -7.37 20.38 -28.71
C ILE A 137 -6.64 19.06 -28.91
N VAL A 138 -5.60 18.83 -28.11
CA VAL A 138 -4.88 17.57 -28.14
C VAL A 138 -4.93 16.91 -26.76
N GLU A 139 -5.17 15.60 -26.73
CA GLU A 139 -5.16 14.89 -25.47
C GLU A 139 -3.75 14.47 -25.08
N ASP A 140 -3.30 14.95 -23.93
CA ASP A 140 -2.01 14.56 -23.37
C ASP A 140 -2.09 13.12 -22.88
N PRO A 141 -1.31 12.22 -23.48
CA PRO A 141 -1.34 10.81 -23.10
C PRO A 141 -0.58 10.51 -21.81
N LYS A 142 0.20 11.47 -21.32
CA LYS A 142 1.07 11.21 -20.17
C LYS A 142 0.31 11.09 -18.86
N GLY A 143 0.88 10.32 -17.94
CA GLY A 143 0.36 10.20 -16.59
C GLY A 143 1.40 10.64 -15.56
N VAL A 144 1.70 9.75 -14.63
CA VAL A 144 2.73 9.97 -13.62
C VAL A 144 4.09 10.14 -14.30
N PHE A 145 5.03 10.79 -13.61
CA PHE A 145 6.36 11.03 -14.16
C PHE A 145 7.00 9.70 -14.56
N ASP A 146 7.41 9.61 -15.82
CA ASP A 146 8.08 8.41 -16.32
C ASP A 146 8.99 8.81 -17.48
N VAL A 147 10.29 8.55 -17.34
CA VAL A 147 11.28 9.02 -18.31
C VAL A 147 10.99 8.52 -19.74
N ASP A 148 10.63 7.24 -19.88
CA ASP A 148 10.39 6.65 -21.19
C ASP A 148 9.11 7.16 -21.84
N ILE A 149 8.05 7.28 -21.05
CA ILE A 149 6.78 7.77 -21.56
C ILE A 149 6.90 9.23 -21.98
N TYR A 150 7.58 10.02 -21.16
CA TYR A 150 7.82 11.42 -21.46
C TYR A 150 8.63 11.58 -22.76
N GLU A 151 9.62 10.71 -22.94
CA GLU A 151 10.43 10.73 -24.15
C GLU A 151 9.62 10.36 -25.39
N ALA A 152 8.70 9.41 -25.23
CA ALA A 152 7.88 8.95 -26.35
C ALA A 152 6.80 9.98 -26.72
N ASP A 153 6.43 10.83 -25.77
CA ASP A 153 5.39 11.83 -25.98
C ASP A 153 5.89 13.04 -26.78
N ASN A 154 5.07 13.51 -27.71
CA ASN A 154 5.37 14.71 -28.47
C ASN A 154 4.18 15.66 -28.55
N THR A 155 3.36 15.65 -27.50
CA THR A 155 2.16 16.48 -27.41
C THR A 155 2.40 17.95 -27.74
N TYR A 156 3.45 18.52 -27.16
CA TYR A 156 3.70 19.95 -27.29
C TYR A 156 4.38 20.30 -28.61
N LYS A 157 4.69 19.28 -29.41
CA LYS A 157 5.10 19.50 -30.79
C LYS A 157 3.87 19.53 -31.70
N ARG A 158 2.78 18.95 -31.21
CA ARG A 158 1.51 18.98 -31.93
C ARG A 158 0.80 20.31 -31.74
N THR A 159 1.02 20.95 -30.60
CA THR A 159 0.42 22.26 -30.31
C THR A 159 1.20 23.40 -30.97
N ALA A 160 2.49 23.18 -31.16
CA ALA A 160 3.41 24.22 -31.64
C ALA A 160 2.96 24.98 -32.90
N PRO A 161 2.46 24.28 -33.93
CA PRO A 161 2.08 25.05 -35.14
C PRO A 161 0.87 25.95 -34.95
N PHE A 162 0.10 25.75 -33.89
CA PHE A 162 -1.15 26.48 -33.70
C PHE A 162 -1.06 27.58 -32.64
N ILE A 163 0.05 27.63 -31.92
CA ILE A 163 0.26 28.63 -30.89
C ILE A 163 0.15 30.04 -31.49
N GLU A 164 -0.53 30.92 -30.77
CA GLU A 164 -0.78 32.31 -31.17
C GLU A 164 -1.55 32.46 -32.49
N LYS A 165 -2.03 31.35 -33.04
CA LYS A 165 -2.79 31.37 -34.30
C LYS A 165 -4.20 30.83 -34.07
N ALA A 166 -4.35 30.01 -33.04
CA ALA A 166 -5.64 29.43 -32.70
C ALA A 166 -5.82 29.34 -31.19
N LYS A 167 -7.04 29.05 -30.76
CA LYS A 167 -7.29 28.74 -29.36
C LYS A 167 -6.81 27.32 -29.12
N VAL A 168 -5.79 27.17 -28.28
CA VAL A 168 -5.13 25.87 -28.12
C VAL A 168 -5.28 25.32 -26.72
N GLY A 169 -5.72 24.07 -26.63
CA GLY A 169 -5.90 23.41 -25.35
C GLY A 169 -5.26 22.03 -25.29
N VAL A 170 -4.69 21.71 -24.14
CA VAL A 170 -4.13 20.38 -23.91
C VAL A 170 -4.94 19.65 -22.85
N LEU A 171 -5.60 18.57 -23.24
CA LEU A 171 -6.46 17.83 -22.33
C LEU A 171 -5.63 16.87 -21.47
N LYS A 172 -5.69 17.08 -20.16
CA LYS A 172 -4.95 16.26 -19.22
C LYS A 172 -5.88 15.53 -18.27
N THR A 173 -5.62 14.25 -18.05
CA THR A 173 -6.43 13.46 -17.12
C THR A 173 -5.51 12.68 -16.19
N TYR A 174 -5.73 12.85 -14.88
CA TYR A 174 -4.88 12.23 -13.88
C TYR A 174 -5.73 11.63 -12.75
N ARG A 175 -5.12 10.84 -11.89
CA ARG A 175 -5.81 10.35 -10.72
C ARG A 175 -5.25 11.06 -9.49
N LYS A 176 -6.13 11.70 -8.74
CA LYS A 176 -5.74 12.42 -7.53
C LYS A 176 -5.13 11.47 -6.51
N ALA A 177 -3.89 11.77 -6.12
CA ALA A 177 -3.17 11.00 -5.10
C ALA A 177 -3.03 9.52 -5.46
N ARG A 178 -3.17 9.20 -6.74
CA ARG A 178 -3.02 7.82 -7.22
C ARG A 178 -2.11 7.77 -8.45
N VAL A 179 -1.59 6.59 -8.76
CA VAL A 179 -0.71 6.42 -9.91
C VAL A 179 -1.37 5.75 -11.10
N SER A 180 -1.32 6.44 -12.24
CA SER A 180 -1.63 5.85 -13.54
C SER A 180 -0.51 6.28 -14.49
N LYS A 181 -0.09 5.38 -15.36
CA LYS A 181 1.07 5.66 -16.21
C LYS A 181 0.70 6.49 -17.43
N THR A 182 -0.57 6.41 -17.82
CA THR A 182 -1.07 7.22 -18.93
C THR A 182 -2.43 7.81 -18.60
N SER A 183 -2.94 8.64 -19.50
CA SER A 183 -4.26 9.23 -19.33
C SER A 183 -5.30 8.48 -20.16
N GLY A 184 -4.86 7.38 -20.77
CA GLY A 184 -5.73 6.56 -21.59
C GLY A 184 -6.96 6.11 -20.84
N THR A 185 -8.12 6.16 -21.50
CA THR A 185 -9.39 5.80 -20.88
C THR A 185 -9.38 4.39 -20.31
N MET A 186 -8.88 3.43 -21.08
CA MET A 186 -8.87 2.04 -20.62
C MET A 186 -7.82 1.83 -19.53
N THR A 187 -6.66 2.46 -19.68
CA THR A 187 -5.61 2.41 -18.67
C THR A 187 -6.14 2.93 -17.33
N LEU A 188 -6.80 4.08 -17.36
CA LEU A 188 -7.40 4.64 -16.15
C LEU A 188 -8.48 3.72 -15.60
N THR A 189 -9.21 3.07 -16.51
CA THR A 189 -10.26 2.12 -16.13
C THR A 189 -9.64 0.92 -15.41
N ILE A 190 -8.59 0.36 -16.01
CA ILE A 190 -7.85 -0.75 -15.42
C ILE A 190 -7.38 -0.43 -14.00
N ASP A 191 -6.68 0.69 -13.85
CA ASP A 191 -6.13 1.09 -12.56
C ASP A 191 -7.23 1.37 -11.54
N THR A 192 -8.33 1.96 -12.00
CA THR A 192 -9.48 2.24 -11.13
C THR A 192 -10.07 0.96 -10.56
N ILE A 193 -10.30 -0.01 -11.43
CA ILE A 193 -10.92 -1.27 -11.03
C ILE A 193 -9.99 -2.12 -10.16
N VAL A 194 -8.71 -2.16 -10.51
CA VAL A 194 -7.72 -2.88 -9.73
C VAL A 194 -7.61 -2.30 -8.32
N ASP A 195 -7.53 -0.96 -8.22
CA ASP A 195 -7.49 -0.30 -6.92
C ASP A 195 -8.73 -0.59 -6.10
N ALA A 196 -9.88 -0.56 -6.76
CA ALA A 196 -11.16 -0.81 -6.09
C ALA A 196 -11.21 -2.22 -5.51
N SER A 197 -10.69 -3.18 -6.28
CA SER A 197 -10.70 -4.58 -5.84
C SER A 197 -9.88 -4.76 -4.58
N ARG A 198 -8.80 -3.99 -4.45
CA ARG A 198 -7.95 -4.04 -3.27
C ARG A 198 -8.64 -3.46 -2.04
N GLU A 199 -9.32 -2.34 -2.22
CA GLU A 199 -10.03 -1.69 -1.12
C GLU A 199 -11.22 -2.51 -0.66
N ILE A 200 -11.92 -3.11 -1.62
CA ILE A 200 -13.06 -3.97 -1.33
C ILE A 200 -12.62 -5.19 -0.51
N THR A 201 -11.45 -5.72 -0.84
CA THR A 201 -10.86 -6.83 -0.11
C THR A 201 -10.80 -6.56 1.40
N SER A 202 -10.54 -5.30 1.76
CA SER A 202 -10.41 -4.93 3.17
C SER A 202 -11.74 -4.88 3.91
N LEU A 203 -12.85 -4.88 3.18
CA LEU A 203 -14.17 -4.83 3.80
C LEU A 203 -14.43 -6.04 4.69
N ASP A 204 -15.23 -5.83 5.73
CA ASP A 204 -15.59 -6.88 6.67
C ASP A 204 -16.21 -8.09 5.97
N GLY A 205 -15.65 -9.27 6.21
CA GLY A 205 -16.23 -10.51 5.70
C GLY A 205 -15.79 -10.91 4.31
N VAL A 206 -15.12 -10.03 3.60
CA VAL A 206 -14.66 -10.32 2.24
C VAL A 206 -13.43 -11.22 2.25
N LEU A 207 -13.45 -12.27 1.42
CA LEU A 207 -12.33 -13.19 1.32
C LEU A 207 -11.35 -12.73 0.24
N TYR A 208 -11.90 -12.36 -0.91
CA TYR A 208 -11.11 -11.79 -2.00
C TYR A 208 -12.00 -11.10 -3.01
N ALA A 209 -11.39 -10.29 -3.87
CA ALA A 209 -12.13 -9.61 -4.93
C ALA A 209 -11.32 -9.64 -6.23
N ILE A 210 -11.92 -10.18 -7.29
CA ILE A 210 -11.25 -10.28 -8.58
C ILE A 210 -11.65 -9.14 -9.51
N PRO A 211 -10.65 -8.40 -10.00
CA PRO A 211 -10.90 -7.43 -11.07
C PRO A 211 -11.09 -8.13 -12.41
N ASN A 212 -12.26 -7.98 -13.00
CA ASN A 212 -12.59 -8.72 -14.22
C ASN A 212 -12.13 -7.98 -15.47
N LEU A 213 -10.82 -8.02 -15.70
CA LEU A 213 -10.22 -7.33 -16.84
C LEU A 213 -9.66 -8.32 -17.85
N ARG A 214 -9.60 -7.90 -19.11
CA ARG A 214 -9.01 -8.73 -20.15
C ARG A 214 -8.03 -7.89 -20.96
N TYR A 215 -7.20 -8.54 -21.77
CA TYR A 215 -6.27 -7.79 -22.62
C TYR A 215 -7.00 -7.34 -23.88
N TYR A 216 -7.67 -6.20 -23.78
CA TYR A 216 -8.56 -5.74 -24.85
C TYR A 216 -7.90 -5.36 -26.17
N GLU A 217 -6.65 -4.89 -26.12
CA GLU A 217 -6.01 -4.42 -27.36
C GLU A 217 -5.55 -5.58 -28.25
N GLY A 218 -5.36 -6.76 -27.66
CA GLY A 218 -5.06 -7.91 -28.47
C GLY A 218 -6.32 -8.35 -29.21
N ILE A 219 -7.45 -8.26 -28.52
CA ILE A 219 -8.74 -8.61 -29.12
C ILE A 219 -9.16 -7.66 -30.25
N LEU A 220 -8.92 -6.37 -30.02
CA LEU A 220 -9.39 -5.34 -30.94
C LEU A 220 -8.43 -5.09 -32.10
N PHE A 221 -7.14 -4.93 -31.79
CA PHE A 221 -6.15 -4.52 -32.77
C PHE A 221 -5.39 -5.68 -33.40
N HIS A 222 -5.69 -6.89 -32.96
CA HIS A 222 -5.01 -8.05 -33.54
C HIS A 222 -5.97 -9.14 -33.98
N GLU A 223 -7.24 -9.02 -33.62
CA GLU A 223 -8.24 -9.92 -34.17
C GLU A 223 -9.41 -9.17 -34.80
N ASN A 224 -9.45 -7.85 -34.62
CA ASN A 224 -10.53 -7.01 -35.14
C ASN A 224 -11.93 -7.50 -34.74
N ASP A 225 -12.01 -8.07 -33.54
CA ASP A 225 -13.27 -8.63 -33.05
C ASP A 225 -13.92 -7.67 -32.07
N ILE A 226 -14.62 -6.68 -32.60
CA ILE A 226 -15.27 -5.65 -31.78
C ILE A 226 -16.36 -6.23 -30.88
N HIS A 227 -17.14 -7.17 -31.42
CA HIS A 227 -18.24 -7.75 -30.67
C HIS A 227 -17.74 -8.48 -29.43
N LYS A 228 -16.60 -9.15 -29.54
CA LYS A 228 -16.00 -9.81 -28.37
C LYS A 228 -15.52 -8.77 -27.37
N PHE A 229 -14.96 -7.68 -27.89
CA PHE A 229 -14.53 -6.58 -27.05
C PHE A 229 -15.71 -6.03 -26.27
N LEU A 230 -16.81 -5.76 -26.98
CA LEU A 230 -18.01 -5.21 -26.37
C LEU A 230 -18.61 -6.18 -25.36
N SER A 231 -18.53 -7.47 -25.67
CA SER A 231 -19.02 -8.51 -24.77
C SER A 231 -18.23 -8.54 -23.47
N GLU A 232 -16.91 -8.46 -23.58
CA GLU A 232 -16.03 -8.57 -22.41
C GLU A 232 -16.08 -7.35 -21.49
N ILE A 233 -16.20 -6.15 -22.06
CA ILE A 233 -16.25 -4.95 -21.22
C ILE A 233 -17.61 -4.80 -20.58
N SER A 234 -18.56 -5.62 -21.01
CA SER A 234 -19.90 -5.63 -20.43
C SER A 234 -19.93 -6.48 -19.17
N GLN A 235 -18.81 -7.11 -18.85
CA GLN A 235 -18.68 -7.93 -17.65
C GLN A 235 -18.71 -7.05 -16.41
N PRO A 236 -19.20 -7.60 -15.29
CA PRO A 236 -19.13 -6.87 -14.02
C PRO A 236 -17.67 -6.53 -13.71
N ALA A 237 -17.41 -5.32 -13.24
CA ALA A 237 -16.04 -4.86 -13.01
C ALA A 237 -15.31 -5.74 -12.02
N ILE A 238 -15.99 -6.15 -10.96
CA ILE A 238 -15.36 -6.89 -9.87
C ILE A 238 -16.26 -8.02 -9.39
N THR A 239 -15.66 -9.19 -9.17
CA THR A 239 -16.39 -10.30 -8.59
C THR A 239 -15.85 -10.58 -7.18
N ILE A 240 -16.75 -10.65 -6.20
CA ILE A 240 -16.36 -10.71 -4.80
C ILE A 240 -16.77 -12.01 -4.11
N SER A 241 -15.82 -12.65 -3.45
CA SER A 241 -16.12 -13.79 -2.58
C SER A 241 -16.15 -13.31 -1.14
N THR A 242 -17.29 -13.48 -0.49
CA THR A 242 -17.51 -12.82 0.80
C THR A 242 -18.54 -13.48 1.71
N LEU A 243 -18.36 -13.27 3.01
CA LEU A 243 -19.28 -13.76 4.03
C LEU A 243 -20.42 -12.76 4.19
N ASN A 244 -20.22 -11.54 3.71
CA ASN A 244 -21.19 -10.45 3.87
C ASN A 244 -21.65 -9.87 2.55
N ASP A 245 -22.87 -9.35 2.55
CA ASP A 245 -23.38 -8.60 1.42
C ASP A 245 -22.73 -7.22 1.47
N VAL A 246 -21.70 -7.02 0.66
CA VAL A 246 -20.96 -5.77 0.66
C VAL A 246 -21.14 -5.01 -0.65
N LEU A 247 -22.21 -5.35 -1.37
CA LEU A 247 -22.48 -4.79 -2.69
C LEU A 247 -22.51 -3.26 -2.69
N ASP A 248 -23.29 -2.67 -1.78
CA ASP A 248 -23.40 -1.23 -1.68
C ASP A 248 -22.05 -0.59 -1.39
N GLU A 249 -21.33 -1.15 -0.43
CA GLU A 249 -20.02 -0.66 -0.03
C GLU A 249 -19.02 -0.80 -1.18
N ALA A 250 -19.16 -1.87 -1.96
CA ALA A 250 -18.30 -2.12 -3.11
C ALA A 250 -18.56 -1.09 -4.21
N GLU A 251 -19.84 -0.77 -4.42
CA GLU A 251 -20.23 0.23 -5.41
C GLU A 251 -19.76 1.62 -5.00
N GLU A 252 -19.77 1.88 -3.70
CA GLU A 252 -19.26 3.12 -3.14
C GLU A 252 -17.77 3.28 -3.36
N ILE A 253 -17.02 2.20 -3.16
CA ILE A 253 -15.58 2.20 -3.39
C ILE A 253 -15.25 2.45 -4.86
N LEU A 254 -16.00 1.80 -5.76
CA LEU A 254 -15.83 2.00 -7.18
C LEU A 254 -16.13 3.44 -7.59
N SER A 255 -17.21 3.99 -7.04
CA SER A 255 -17.59 5.37 -7.32
C SER A 255 -16.56 6.36 -6.82
N ASN A 256 -16.05 6.13 -5.61
CA ASN A 256 -15.04 7.00 -5.03
C ASN A 256 -13.74 6.98 -5.84
N ASN A 257 -13.36 5.81 -6.32
CA ASN A 257 -12.16 5.67 -7.14
C ASN A 257 -12.33 6.36 -8.49
N ILE A 258 -13.53 6.25 -9.06
CA ILE A 258 -13.86 6.95 -10.30
C ILE A 258 -13.74 8.46 -10.11
N ASN A 259 -14.22 8.96 -8.98
CA ASN A 259 -14.21 10.40 -8.70
C ASN A 259 -12.83 10.92 -8.30
N LEU A 260 -11.86 10.01 -8.19
CA LEU A 260 -10.47 10.41 -7.99
C LEU A 260 -9.88 10.92 -9.29
N ILE A 261 -10.54 10.58 -10.39
CA ILE A 261 -10.07 10.95 -11.72
C ILE A 261 -10.43 12.40 -12.01
N TYR A 262 -9.42 13.17 -12.40
CA TYR A 262 -9.59 14.59 -12.63
C TYR A 262 -9.12 14.94 -14.04
N SER A 263 -10.00 15.58 -14.80
CA SER A 263 -9.70 15.93 -16.19
C SER A 263 -9.85 17.42 -16.39
N PHE A 264 -8.89 18.02 -17.07
CA PHE A 264 -8.93 19.45 -17.35
C PHE A 264 -8.16 19.80 -18.62
N VAL A 265 -8.49 20.94 -19.20
CA VAL A 265 -7.80 21.41 -20.40
C VAL A 265 -6.87 22.57 -20.07
N GLU A 266 -5.58 22.38 -20.34
CA GLU A 266 -4.61 23.46 -20.20
C GLU A 266 -4.57 24.31 -21.46
N GLU A 267 -4.83 25.61 -21.32
CA GLU A 267 -4.76 26.51 -22.46
C GLU A 267 -3.34 27.03 -22.68
N LEU A 268 -2.87 26.92 -23.92
CA LEU A 268 -1.54 27.41 -24.28
C LEU A 268 -1.64 28.77 -24.97
N GLU B 12 17.26 -10.43 28.49
CA GLU B 12 15.96 -10.01 27.96
C GLU B 12 15.78 -10.52 26.53
N MET B 13 14.56 -10.93 26.18
CA MET B 13 14.29 -11.47 24.85
C MET B 13 14.01 -10.35 23.86
N VAL B 14 13.33 -9.31 24.32
CA VAL B 14 12.99 -8.19 23.44
C VAL B 14 14.15 -7.22 23.46
N LYS B 15 14.64 -6.88 22.28
CA LYS B 15 15.75 -5.95 22.16
C LYS B 15 15.32 -4.66 21.49
N THR B 16 16.20 -3.66 21.56
CA THR B 16 15.96 -2.37 20.92
C THR B 16 17.13 -2.08 20.01
N ILE B 17 16.85 -1.89 18.73
CA ILE B 17 17.90 -1.67 17.75
C ILE B 17 17.66 -0.41 16.92
N ASP B 18 18.62 0.49 16.96
CA ASP B 18 18.62 1.66 16.08
C ASP B 18 19.33 1.31 14.78
N THR B 19 18.81 1.81 13.67
CA THR B 19 19.52 1.67 12.40
C THR B 19 20.80 2.49 12.47
N LYS B 20 21.84 2.05 11.78
CA LYS B 20 23.08 2.83 11.71
C LYS B 20 22.87 3.99 10.75
N THR B 21 22.01 3.78 9.76
CA THR B 21 21.62 4.85 8.86
C THR B 21 20.88 5.94 9.62
N ARG B 22 21.33 7.18 9.44
CA ARG B 22 20.70 8.32 10.09
C ARG B 22 19.73 8.99 9.13
N VAL B 23 18.92 9.90 9.64
CA VAL B 23 17.99 10.65 8.79
C VAL B 23 18.75 11.39 7.68
N VAL B 24 19.89 11.98 8.04
CA VAL B 24 20.68 12.75 7.10
C VAL B 24 21.29 11.87 6.01
N ASP B 25 21.57 10.61 6.35
CA ASP B 25 22.11 9.66 5.37
C ASP B 25 21.08 9.38 4.28
N VAL B 26 19.81 9.32 4.67
CA VAL B 26 18.73 9.13 3.73
C VAL B 26 18.62 10.33 2.79
N THR B 27 18.71 11.53 3.36
CA THR B 27 18.65 12.76 2.57
C THR B 27 19.82 12.84 1.58
N ASN B 28 21.00 12.41 2.02
CA ASN B 28 22.18 12.40 1.16
C ASN B 28 22.03 11.48 -0.05
N GLU B 29 21.49 10.28 0.18
CA GLU B 29 21.29 9.32 -0.88
C GLU B 29 20.31 9.84 -1.93
N ILE B 30 19.25 10.50 -1.47
CA ILE B 30 18.25 11.07 -2.37
C ILE B 30 18.84 12.24 -3.16
N ALA B 31 19.65 13.05 -2.48
CA ALA B 31 20.34 14.17 -3.12
C ALA B 31 21.25 13.69 -4.23
N LYS B 32 21.91 12.55 -4.00
CA LYS B 32 22.81 11.96 -4.99
C LYS B 32 22.05 11.51 -6.23
N LYS B 33 20.87 10.92 -6.02
CA LYS B 33 20.02 10.49 -7.13
C LYS B 33 19.56 11.69 -7.96
N LYS B 34 19.20 12.77 -7.28
CA LYS B 34 18.77 14.00 -7.96
C LYS B 34 19.91 14.58 -8.81
N TYR B 35 21.10 14.64 -8.23
CA TYR B 35 22.23 15.22 -8.95
C TYR B 35 22.65 14.34 -10.13
N GLN B 36 22.52 13.02 -9.96
CA GLN B 36 22.84 12.08 -11.03
C GLN B 36 21.98 12.37 -12.26
N ALA B 37 20.73 12.76 -12.02
CA ALA B 37 19.81 13.14 -13.09
C ALA B 37 20.29 14.41 -13.77
N ILE B 38 20.78 15.36 -12.98
CA ILE B 38 21.33 16.61 -13.50
C ILE B 38 22.56 16.31 -14.35
N ARG B 39 23.40 15.42 -13.82
CA ARG B 39 24.66 15.05 -14.46
C ARG B 39 24.44 14.35 -15.79
N ASP B 40 23.40 13.51 -15.85
CA ASP B 40 23.04 12.85 -17.09
C ASP B 40 22.57 13.84 -18.14
N PHE B 41 21.83 14.87 -17.69
CA PHE B 41 21.31 15.90 -18.58
C PHE B 41 22.40 16.83 -19.12
N LEU B 42 23.27 17.28 -18.24
CA LEU B 42 24.32 18.25 -18.60
C LEU B 42 25.47 17.63 -19.37
N GLU B 43 25.67 16.33 -19.17
CA GLU B 43 26.71 15.57 -19.88
C GLU B 43 28.11 16.15 -19.66
N GLY B 44 28.31 16.77 -18.50
CA GLY B 44 29.64 17.28 -18.18
C GLY B 44 29.97 18.59 -18.87
N GLU B 45 28.96 19.25 -19.42
CA GLU B 45 29.17 20.55 -20.06
C GLU B 45 29.79 21.52 -19.07
N GLU B 46 30.70 22.33 -19.57
CA GLU B 46 31.43 23.27 -18.73
C GLU B 46 30.91 24.70 -18.87
N PHE B 47 31.00 25.46 -17.77
CA PHE B 47 30.42 26.78 -17.70
C PHE B 47 31.36 27.81 -17.10
N LYS B 48 31.16 29.08 -17.42
CA LYS B 48 31.94 30.15 -16.82
C LYS B 48 31.42 30.46 -15.42
N GLU B 49 30.10 30.49 -15.30
CA GLU B 49 29.46 30.97 -14.07
C GLU B 49 28.13 30.27 -13.80
N VAL B 50 28.05 29.58 -12.68
CA VAL B 50 26.83 28.88 -12.28
C VAL B 50 26.12 29.61 -11.15
N VAL B 51 24.82 29.79 -11.28
CA VAL B 51 24.01 30.33 -10.18
C VAL B 51 22.94 29.32 -9.77
N ILE B 52 22.98 28.93 -8.50
CA ILE B 52 21.99 28.02 -7.95
C ILE B 52 21.12 28.72 -6.91
N PHE B 53 19.81 28.67 -7.12
CA PHE B 53 18.86 29.27 -6.18
C PHE B 53 18.26 28.20 -5.25
N GLY B 54 18.46 28.36 -3.96
CA GLY B 54 17.86 27.47 -2.98
C GLY B 54 18.85 26.50 -2.37
N VAL B 55 19.22 26.74 -1.11
CA VAL B 55 20.18 25.91 -0.41
C VAL B 55 19.54 24.64 0.14
N TYR B 56 18.39 24.81 0.79
CA TYR B 56 17.67 23.68 1.37
C TYR B 56 16.97 22.92 0.24
N LEU B 57 17.19 21.61 0.15
CA LEU B 57 18.03 20.87 1.08
C LEU B 57 19.32 20.36 0.42
N TRP B 58 19.38 20.40 -0.90
CA TRP B 58 20.53 19.85 -1.62
C TRP B 58 21.21 20.88 -2.52
N GLY B 59 21.07 22.15 -2.17
CA GLY B 59 21.71 23.23 -2.91
C GLY B 59 23.22 23.25 -2.75
N ASN B 60 23.69 23.03 -1.52
CA ASN B 60 25.11 23.03 -1.23
C ASN B 60 25.83 21.88 -1.93
N TYR B 61 25.24 20.69 -1.88
CA TYR B 61 25.78 19.53 -2.58
C TYR B 61 25.89 19.80 -4.07
N THR B 62 24.83 20.36 -4.64
CA THR B 62 24.80 20.74 -6.04
C THR B 62 25.94 21.70 -6.35
N ALA B 63 26.14 22.68 -5.47
CA ALA B 63 27.19 23.68 -5.63
C ALA B 63 28.57 23.06 -5.61
N GLN B 64 28.80 22.14 -4.67
CA GLN B 64 30.12 21.52 -4.54
C GLN B 64 30.46 20.66 -5.73
N MET B 65 29.48 19.95 -6.27
CA MET B 65 29.69 19.09 -7.41
C MET B 65 29.91 19.85 -8.71
N LEU B 66 29.13 20.91 -8.92
CA LEU B 66 29.20 21.69 -10.17
C LEU B 66 30.43 22.59 -10.24
N SER B 67 31.08 22.82 -9.10
CA SER B 67 32.22 23.73 -9.03
C SER B 67 33.42 23.26 -9.84
N LYS B 68 33.49 21.96 -10.12
CA LYS B 68 34.57 21.41 -10.93
C LYS B 68 34.33 21.67 -12.41
N TYR B 69 33.09 22.02 -12.77
CA TYR B 69 32.72 22.25 -14.15
C TYR B 69 32.51 23.73 -14.43
N ALA B 70 32.83 24.55 -13.42
CA ALA B 70 32.60 25.99 -13.51
C ALA B 70 33.74 26.79 -12.90
N ASP B 71 34.03 27.94 -13.51
CA ASP B 71 35.04 28.84 -12.98
C ASP B 71 34.51 29.52 -11.72
N LYS B 72 33.21 29.80 -11.72
CA LYS B 72 32.56 30.46 -10.60
C LYS B 72 31.19 29.84 -10.29
N VAL B 73 30.92 29.63 -9.00
CA VAL B 73 29.63 29.11 -8.57
C VAL B 73 29.04 29.98 -7.47
N TYR B 74 27.85 30.52 -7.72
CA TYR B 74 27.14 31.28 -6.70
C TYR B 74 25.95 30.48 -6.19
N LEU B 75 25.83 30.40 -4.87
CA LEU B 75 24.69 29.74 -4.25
C LEU B 75 23.84 30.79 -3.53
N VAL B 76 22.62 30.97 -4.00
CA VAL B 76 21.79 32.09 -3.56
C VAL B 76 20.54 31.64 -2.81
N ASP B 77 20.26 32.27 -1.68
CA ASP B 77 19.08 31.95 -0.89
C ASP B 77 18.45 33.22 -0.33
N ILE B 78 17.12 33.22 -0.21
CA ILE B 78 16.42 34.38 0.32
C ILE B 78 16.68 34.55 1.82
N HIS B 79 17.10 33.48 2.47
CA HIS B 79 17.42 33.52 3.89
C HIS B 79 18.93 33.51 4.15
N GLU B 80 19.41 34.53 4.86
CA GLU B 80 20.83 34.68 5.16
C GLU B 80 21.35 33.54 6.04
N PHE B 81 20.53 33.04 6.96
CA PHE B 81 20.97 32.03 7.90
C PHE B 81 21.32 30.70 7.23
N MET B 82 20.88 30.54 5.97
CA MET B 82 21.22 29.35 5.20
C MET B 82 22.71 29.23 4.92
N LYS B 83 23.44 30.33 5.09
CA LYS B 83 24.89 30.33 4.91
C LYS B 83 25.59 29.31 5.79
N GLY B 84 25.03 29.07 6.97
CA GLY B 84 25.58 28.08 7.89
C GLY B 84 25.65 26.68 7.32
N PHE B 85 24.80 26.39 6.33
CA PHE B 85 24.77 25.08 5.70
C PHE B 85 25.79 24.97 4.56
N VAL B 86 26.40 26.09 4.23
CA VAL B 86 27.38 26.14 3.16
C VAL B 86 28.78 26.29 3.72
N PRO B 87 29.60 25.23 3.64
CA PRO B 87 30.96 25.37 4.15
C PRO B 87 31.63 26.47 3.32
N ASN B 88 32.68 27.12 3.80
CA ASN B 88 33.15 28.32 3.11
C ASN B 88 33.80 28.05 1.78
N ASN B 89 34.73 27.08 1.76
CA ASN B 89 35.32 26.60 0.53
C ASN B 89 35.88 27.74 -0.35
N ASN B 90 36.23 27.42 -1.59
CA ASN B 90 36.60 28.40 -2.59
C ASN B 90 35.83 27.85 -3.78
N SER B 91 35.76 28.58 -4.88
CA SER B 91 35.00 28.18 -6.07
C SER B 91 33.49 28.31 -5.81
N ILE B 92 33.09 28.54 -4.56
CA ILE B 92 31.68 28.71 -4.25
C ILE B 92 31.47 29.88 -3.30
N LYS B 93 30.57 30.79 -3.69
CA LYS B 93 30.25 31.96 -2.90
C LYS B 93 28.79 31.96 -2.48
N PHE B 94 28.52 32.11 -1.19
CA PHE B 94 27.12 32.21 -0.76
C PHE B 94 26.69 33.66 -0.80
N LEU B 95 25.48 33.87 -1.28
CA LEU B 95 24.87 35.21 -1.29
C LEU B 95 23.41 35.11 -0.90
N ASN B 96 22.94 36.06 -0.08
CA ASN B 96 21.50 36.16 0.09
C ASN B 96 20.93 36.83 -1.14
N LEU B 97 19.62 36.76 -1.32
CA LEU B 97 18.98 37.24 -2.54
C LEU B 97 19.27 38.72 -2.80
N ASN B 98 19.23 39.53 -1.73
CA ASN B 98 19.50 40.95 -1.85
C ASN B 98 20.93 41.24 -2.32
N GLU B 99 21.89 40.50 -1.77
CA GLU B 99 23.28 40.64 -2.19
C GLU B 99 23.45 40.27 -3.66
N PHE B 100 22.75 39.23 -4.09
CA PHE B 100 22.81 38.77 -5.47
C PHE B 100 22.24 39.80 -6.43
N LYS B 101 21.09 40.37 -6.07
CA LYS B 101 20.47 41.43 -6.86
C LYS B 101 21.43 42.62 -7.01
N LEU B 102 22.10 42.96 -5.91
CA LEU B 102 23.06 44.05 -5.93
C LEU B 102 24.18 43.73 -6.90
N LYS B 103 24.67 42.50 -6.85
CA LYS B 103 25.72 42.07 -7.78
C LYS B 103 25.23 42.12 -9.22
N PHE B 104 23.94 41.84 -9.43
CA PHE B 104 23.39 41.87 -10.77
C PHE B 104 23.38 43.26 -11.39
N ILE B 105 22.81 44.23 -10.68
CA ILE B 105 22.74 45.61 -11.16
C ILE B 105 24.15 46.22 -11.32
N ARG B 106 25.10 45.75 -10.53
CA ARG B 106 26.48 46.25 -10.61
C ARG B 106 27.16 45.63 -11.83
N GLY B 107 26.46 44.75 -12.53
CA GLY B 107 26.99 44.08 -13.70
C GLY B 107 28.09 43.09 -13.38
N GLU B 108 28.00 42.47 -12.20
CA GLU B 108 29.03 41.55 -11.74
C GLU B 108 28.68 40.08 -11.90
N VAL B 109 27.45 39.79 -12.33
CA VAL B 109 27.08 38.40 -12.59
C VAL B 109 26.34 38.22 -13.92
N ASN B 110 26.67 37.13 -14.61
CA ASN B 110 26.06 36.80 -15.90
C ASN B 110 26.22 35.31 -16.18
N PRO B 111 25.45 34.47 -15.45
CA PRO B 111 25.60 33.01 -15.48
C PRO B 111 25.20 32.37 -16.79
N ASP B 112 25.96 31.38 -17.24
CA ASP B 112 25.58 30.61 -18.42
C ASP B 112 24.85 29.33 -18.00
N LEU B 113 24.88 29.02 -16.71
CA LEU B 113 24.04 27.96 -16.15
C LEU B 113 23.27 28.44 -14.93
N ILE B 114 21.95 28.27 -14.96
CA ILE B 114 21.11 28.59 -13.80
C ILE B 114 20.32 27.38 -13.34
N VAL B 115 20.42 27.08 -12.05
CA VAL B 115 19.67 25.96 -11.47
C VAL B 115 18.73 26.47 -10.38
N ASP B 116 17.43 26.29 -10.58
CA ASP B 116 16.43 26.77 -9.64
C ASP B 116 15.86 25.65 -8.79
N LEU B 117 16.20 25.66 -7.51
CA LEU B 117 15.76 24.61 -6.58
C LEU B 117 14.77 25.13 -5.54
N THR B 118 14.20 26.31 -5.77
CA THR B 118 13.42 27.00 -4.74
C THR B 118 12.03 26.39 -4.53
N GLY B 119 11.48 25.75 -5.56
CA GLY B 119 10.21 25.07 -5.45
C GLY B 119 9.00 25.98 -5.29
N LEU B 120 7.98 25.50 -4.58
CA LEU B 120 6.72 26.21 -4.43
C LEU B 120 6.90 27.57 -3.75
N GLY B 121 6.34 28.61 -4.37
CA GLY B 121 6.44 29.95 -3.83
C GLY B 121 7.86 30.49 -3.85
N GLY B 122 8.68 29.92 -4.71
CA GLY B 122 10.09 30.25 -4.76
C GLY B 122 10.39 31.46 -5.62
N ILE B 123 11.49 31.39 -6.37
CA ILE B 123 11.95 32.52 -7.16
C ILE B 123 10.94 32.89 -8.27
N GLU B 124 10.82 34.18 -8.55
CA GLU B 124 9.86 34.69 -9.51
C GLU B 124 10.41 34.61 -10.94
N PRO B 125 9.56 34.18 -11.88
CA PRO B 125 9.90 34.08 -13.31
C PRO B 125 10.43 35.38 -13.93
N GLU B 126 9.81 36.50 -13.59
CA GLU B 126 10.27 37.81 -14.03
C GLU B 126 11.73 38.06 -13.70
N PHE B 127 12.15 37.72 -12.48
CA PHE B 127 13.54 37.93 -12.07
C PHE B 127 14.45 37.00 -12.87
N LEU B 128 14.04 35.74 -13.02
CA LEU B 128 14.80 34.77 -13.81
C LEU B 128 14.96 35.25 -15.25
N ALA B 129 13.91 35.89 -15.77
CA ALA B 129 13.89 36.38 -17.14
C ALA B 129 14.94 37.48 -17.39
N LYS B 130 15.52 37.99 -16.32
CA LYS B 130 16.51 39.07 -16.43
C LYS B 130 17.85 38.54 -16.94
N PHE B 131 18.00 37.22 -16.89
CA PHE B 131 19.26 36.57 -17.24
C PHE B 131 19.23 35.88 -18.60
N ASN B 132 20.41 35.53 -19.12
CA ASN B 132 20.53 34.84 -20.41
C ASN B 132 21.52 33.68 -20.40
N PRO B 133 21.18 32.59 -19.70
CA PRO B 133 22.06 31.43 -19.59
C PRO B 133 22.06 30.54 -20.84
N LYS B 134 23.08 29.70 -20.99
CA LYS B 134 23.08 28.69 -22.04
C LYS B 134 22.16 27.56 -21.64
N VAL B 135 22.14 27.24 -20.34
CA VAL B 135 21.33 26.15 -19.82
C VAL B 135 20.55 26.59 -18.59
N PHE B 136 19.26 26.27 -18.57
CA PHE B 136 18.42 26.56 -17.42
C PHE B 136 17.76 25.28 -16.89
N ILE B 137 17.97 25.00 -15.61
CA ILE B 137 17.34 23.85 -14.98
C ILE B 137 16.48 24.27 -13.80
N VAL B 138 15.23 23.83 -13.80
CA VAL B 138 14.34 24.10 -12.68
C VAL B 138 13.88 22.78 -12.07
N GLU B 139 13.87 22.70 -10.75
CA GLU B 139 13.35 21.52 -10.08
C GLU B 139 11.84 21.60 -9.92
N ASP B 140 11.14 20.65 -10.52
CA ASP B 140 9.70 20.55 -10.37
C ASP B 140 9.37 20.05 -8.96
N PRO B 141 8.65 20.87 -8.18
CA PRO B 141 8.32 20.50 -6.80
C PRO B 141 7.20 19.45 -6.71
N LYS B 142 6.54 19.18 -7.84
CA LYS B 142 5.38 18.30 -7.85
C LYS B 142 5.74 16.81 -7.66
N GLY B 143 4.80 16.06 -7.10
CA GLY B 143 4.92 14.62 -7.01
C GLY B 143 3.74 14.00 -7.74
N VAL B 144 3.00 13.13 -7.06
CA VAL B 144 1.77 12.58 -7.63
C VAL B 144 0.77 13.73 -7.81
N PHE B 145 -0.18 13.57 -8.74
CA PHE B 145 -1.15 14.63 -9.00
C PHE B 145 -1.96 15.03 -7.78
N ASP B 146 -2.00 16.34 -7.54
CA ASP B 146 -2.76 16.93 -6.45
C ASP B 146 -3.21 18.30 -6.94
N VAL B 147 -4.53 18.51 -6.98
CA VAL B 147 -5.11 19.68 -7.61
C VAL B 147 -4.56 21.01 -7.07
N ASP B 148 -4.47 21.10 -5.75
CA ASP B 148 -4.01 22.32 -5.10
C ASP B 148 -2.50 22.55 -5.28
N ILE B 149 -1.72 21.48 -5.15
CA ILE B 149 -0.28 21.56 -5.34
C ILE B 149 0.04 21.87 -6.80
N TYR B 150 -0.69 21.23 -7.72
CA TYR B 150 -0.53 21.46 -9.15
C TYR B 150 -0.81 22.92 -9.51
N GLU B 151 -1.86 23.47 -8.91
CA GLU B 151 -2.24 24.86 -9.12
C GLU B 151 -1.21 25.81 -8.54
N ALA B 152 -0.63 25.43 -7.41
CA ALA B 152 0.34 26.28 -6.73
C ALA B 152 1.68 26.29 -7.46
N ASP B 153 1.93 25.25 -8.25
CA ASP B 153 3.18 25.13 -8.99
C ASP B 153 3.19 26.03 -10.21
N ASN B 154 4.32 26.69 -10.46
CA ASN B 154 4.48 27.52 -11.64
C ASN B 154 5.79 27.25 -12.38
N THR B 155 6.25 26.01 -12.30
CA THR B 155 7.50 25.58 -12.93
C THR B 155 7.62 25.99 -14.40
N TYR B 156 6.56 25.78 -15.18
CA TYR B 156 6.62 26.01 -16.62
C TYR B 156 6.40 27.47 -17.00
N LYS B 157 6.16 28.32 -16.00
CA LYS B 157 6.18 29.75 -16.20
C LYS B 157 7.60 30.26 -15.98
N ARG B 158 8.38 29.48 -15.25
CA ARG B 158 9.79 29.78 -15.01
C ARG B 158 10.65 29.37 -16.21
N THR B 159 10.22 28.33 -16.92
CA THR B 159 10.94 27.85 -18.10
C THR B 159 10.66 28.69 -19.34
N ALA B 160 9.47 29.30 -19.38
CA ALA B 160 8.98 30.02 -20.54
C ALA B 160 9.95 31.04 -21.16
N PRO B 161 10.62 31.87 -20.33
CA PRO B 161 11.52 32.84 -20.98
C PRO B 161 12.75 32.22 -21.62
N PHE B 162 13.05 30.96 -21.31
CA PHE B 162 14.28 30.34 -21.79
C PHE B 162 14.02 29.32 -22.90
N ILE B 163 12.75 29.03 -23.13
CA ILE B 163 12.34 28.08 -24.17
C ILE B 163 12.84 28.57 -25.51
N GLU B 164 13.36 27.65 -26.31
CA GLU B 164 13.87 27.97 -27.65
C GLU B 164 14.99 29.00 -27.70
N LYS B 165 15.52 29.39 -26.54
CA LYS B 165 16.61 30.36 -26.52
C LYS B 165 17.80 29.70 -25.84
N ALA B 166 17.50 28.72 -24.98
CA ALA B 166 18.53 27.97 -24.25
C ALA B 166 18.16 26.50 -24.11
N LYS B 167 19.11 25.70 -23.64
CA LYS B 167 18.81 24.31 -23.28
C LYS B 167 18.07 24.29 -21.95
N VAL B 168 16.82 23.82 -21.97
CA VAL B 168 15.96 23.90 -20.80
C VAL B 168 15.58 22.51 -20.30
N GLY B 169 15.77 22.28 -19.00
CA GLY B 169 15.44 21.01 -18.39
C GLY B 169 14.59 21.16 -17.15
N VAL B 170 13.64 20.24 -16.97
CA VAL B 170 12.83 20.21 -15.75
C VAL B 170 13.14 18.95 -14.97
N LEU B 171 13.68 19.12 -13.78
CA LEU B 171 14.07 17.98 -12.96
C LEU B 171 12.88 17.41 -12.19
N LYS B 172 12.58 16.14 -12.45
CA LYS B 172 11.48 15.49 -11.77
C LYS B 172 11.97 14.32 -10.92
N THR B 173 11.50 14.23 -9.70
CA THR B 173 11.88 13.16 -8.79
C THR B 173 10.65 12.57 -8.10
N TYR B 174 10.46 11.27 -8.23
CA TYR B 174 9.29 10.58 -7.68
C TYR B 174 9.64 9.23 -7.08
N ARG B 175 8.69 8.61 -6.39
CA ARG B 175 8.86 7.25 -5.90
C ARG B 175 7.99 6.27 -6.69
N LYS B 176 8.63 5.27 -7.32
CA LYS B 176 7.89 4.25 -8.04
C LYS B 176 7.00 3.40 -7.14
N ALA B 177 5.74 3.25 -7.56
CA ALA B 177 4.74 2.43 -6.88
C ALA B 177 4.44 2.91 -5.47
N ARG B 178 4.77 4.17 -5.19
CA ARG B 178 4.44 4.77 -3.91
C ARG B 178 3.85 6.16 -4.17
N VAL B 179 3.12 6.70 -3.22
CA VAL B 179 2.57 8.04 -3.37
C VAL B 179 3.37 9.04 -2.53
N SER B 180 3.88 10.07 -3.20
CA SER B 180 4.44 11.23 -2.51
C SER B 180 3.88 12.48 -3.16
N LYS B 181 3.56 13.47 -2.34
CA LYS B 181 2.84 14.65 -2.79
C LYS B 181 3.76 15.69 -3.42
N THR B 182 5.04 15.68 -3.03
CA THR B 182 6.02 16.58 -3.62
C THR B 182 7.31 15.85 -3.93
N SER B 183 8.24 16.54 -4.59
CA SER B 183 9.54 15.98 -4.90
C SER B 183 10.62 16.48 -3.94
N GLY B 184 10.19 17.21 -2.92
CA GLY B 184 11.10 17.76 -1.93
C GLY B 184 11.96 16.67 -1.31
N THR B 185 13.25 16.96 -1.16
CA THR B 185 14.19 15.99 -0.61
C THR B 185 13.76 15.48 0.77
N MET B 186 13.34 16.40 1.63
CA MET B 186 12.94 16.04 2.98
C MET B 186 11.60 15.30 2.96
N THR B 187 10.69 15.75 2.11
CA THR B 187 9.41 15.08 1.92
C THR B 187 9.61 13.63 1.51
N LEU B 188 10.48 13.42 0.52
CA LEU B 188 10.80 12.08 0.05
C LEU B 188 11.50 11.27 1.15
N THR B 189 12.30 11.96 1.94
CA THR B 189 13.00 11.33 3.06
C THR B 189 12.00 10.83 4.10
N ILE B 190 11.07 11.71 4.47
CA ILE B 190 10.01 11.37 5.41
C ILE B 190 9.21 10.15 4.96
N ASP B 191 8.72 10.18 3.72
CA ASP B 191 7.90 9.09 3.19
C ASP B 191 8.70 7.80 3.08
N THR B 192 9.97 7.92 2.72
CA THR B 192 10.86 6.76 2.62
C THR B 192 11.04 6.07 3.96
N ILE B 193 11.33 6.85 4.99
CA ILE B 193 11.59 6.31 6.32
C ILE B 193 10.33 5.71 6.93
N VAL B 194 9.19 6.37 6.73
CA VAL B 194 7.92 5.85 7.20
C VAL B 194 7.60 4.52 6.52
N ASP B 195 7.75 4.48 5.20
CA ASP B 195 7.52 3.26 4.43
C ASP B 195 8.45 2.14 4.86
N ALA B 196 9.72 2.47 5.08
CA ALA B 196 10.72 1.50 5.51
C ALA B 196 10.39 0.92 6.88
N SER B 197 9.94 1.77 7.79
CA SER B 197 9.62 1.35 9.15
C SER B 197 8.46 0.36 9.13
N ARG B 198 7.52 0.57 8.21
CA ARG B 198 6.38 -0.32 8.06
C ARG B 198 6.79 -1.69 7.53
N GLU B 199 7.71 -1.69 6.55
CA GLU B 199 8.18 -2.94 5.97
C GLU B 199 9.08 -3.71 6.95
N ILE B 200 9.90 -2.98 7.70
CA ILE B 200 10.76 -3.56 8.72
C ILE B 200 9.92 -4.26 9.78
N THR B 201 8.80 -3.63 10.12
CA THR B 201 7.83 -4.18 11.07
C THR B 201 7.42 -5.61 10.70
N SER B 202 7.33 -5.90 9.40
CA SER B 202 6.87 -7.19 8.92
C SER B 202 7.87 -8.33 9.13
N LEU B 203 9.12 -7.99 9.42
CA LEU B 203 10.15 -9.01 9.63
C LEU B 203 9.81 -9.93 10.80
N ASP B 204 10.26 -11.19 10.71
CA ASP B 204 10.06 -12.16 11.79
C ASP B 204 10.64 -11.66 13.10
N GLY B 205 9.83 -11.68 14.15
CA GLY B 205 10.28 -11.34 15.48
C GLY B 205 10.23 -9.87 15.83
N VAL B 206 9.99 -9.01 14.83
CA VAL B 206 9.92 -7.57 15.07
C VAL B 206 8.56 -7.22 15.68
N LEU B 207 8.59 -6.44 16.76
CA LEU B 207 7.37 -6.01 17.44
C LEU B 207 6.84 -4.70 16.86
N TYR B 208 7.74 -3.74 16.68
CA TYR B 208 7.40 -2.47 16.03
C TYR B 208 8.66 -1.75 15.56
N ALA B 209 8.46 -0.76 14.70
CA ALA B 209 9.55 0.07 14.23
C ALA B 209 9.10 1.52 14.18
N ILE B 210 9.81 2.39 14.89
CA ILE B 210 9.46 3.81 14.92
C ILE B 210 10.31 4.60 13.94
N PRO B 211 9.67 5.33 13.03
CA PRO B 211 10.39 6.28 12.19
C PRO B 211 10.74 7.54 12.99
N ASN B 212 12.03 7.81 13.15
CA ASN B 212 12.49 8.91 14.00
C ASN B 212 12.54 10.22 13.24
N LEU B 213 11.37 10.81 13.01
CA LEU B 213 11.26 12.04 12.25
C LEU B 213 10.81 13.21 13.13
N ARG B 214 11.19 14.41 12.72
CA ARG B 214 10.75 15.62 13.39
C ARG B 214 10.24 16.59 12.34
N TYR B 215 9.55 17.64 12.78
CA TYR B 215 9.06 18.64 11.83
C TYR B 215 10.20 19.62 11.53
N TYR B 216 11.05 19.22 10.59
CA TYR B 216 12.27 19.96 10.28
C TYR B 216 11.99 21.32 9.67
N GLU B 217 10.87 21.44 8.96
CA GLU B 217 10.57 22.68 8.25
C GLU B 217 10.09 23.72 9.25
N GLY B 218 9.54 23.25 10.37
CA GLY B 218 9.21 24.13 11.47
C GLY B 218 10.41 24.53 12.29
N ILE B 219 11.32 23.58 12.50
CA ILE B 219 12.53 23.83 13.26
C ILE B 219 13.42 24.84 12.55
N LEU B 220 13.51 24.73 11.23
CA LEU B 220 14.40 25.58 10.44
C LEU B 220 13.77 26.91 10.04
N PHE B 221 12.55 26.87 9.49
CA PHE B 221 11.95 28.04 8.87
C PHE B 221 10.97 28.81 9.76
N HIS B 222 10.71 28.29 10.96
CA HIS B 222 9.82 28.96 11.92
C HIS B 222 10.38 29.07 13.33
N GLU B 223 11.51 28.44 13.58
CA GLU B 223 12.22 28.63 14.83
C GLU B 223 13.62 29.11 14.55
N ASN B 224 14.02 29.03 13.28
CA ASN B 224 15.37 29.40 12.87
C ASN B 224 16.40 28.70 13.73
N ASP B 225 16.06 27.48 14.15
CA ASP B 225 16.88 26.74 15.08
C ASP B 225 17.72 25.71 14.34
N ILE B 226 18.84 26.18 13.79
CA ILE B 226 19.76 25.33 13.05
C ILE B 226 20.38 24.29 13.99
N HIS B 227 20.63 24.72 15.22
CA HIS B 227 21.24 23.87 16.23
C HIS B 227 20.40 22.63 16.52
N LYS B 228 19.09 22.82 16.62
CA LYS B 228 18.17 21.72 16.87
C LYS B 228 18.02 20.85 15.61
N PHE B 229 17.99 21.52 14.45
CA PHE B 229 17.87 20.85 13.16
C PHE B 229 19.02 19.86 12.91
N LEU B 230 20.24 20.33 13.10
CA LEU B 230 21.43 19.50 12.87
C LEU B 230 21.48 18.31 13.82
N SER B 231 21.05 18.53 15.06
CA SER B 231 21.03 17.47 16.06
C SER B 231 20.01 16.38 15.71
N GLU B 232 18.83 16.80 15.28
CA GLU B 232 17.74 15.87 14.98
C GLU B 232 17.97 15.05 13.72
N ILE B 233 18.57 15.64 12.70
CA ILE B 233 18.77 14.91 11.45
C ILE B 233 19.92 13.92 11.55
N SER B 234 20.72 14.05 12.61
CA SER B 234 21.80 13.11 12.85
C SER B 234 21.33 11.87 13.61
N GLN B 235 20.05 11.88 14.01
CA GLN B 235 19.47 10.77 14.75
C GLN B 235 19.31 9.56 13.84
N PRO B 236 19.37 8.35 14.41
CA PRO B 236 19.10 7.14 13.62
C PRO B 236 17.70 7.20 12.99
N ALA B 237 17.61 6.78 11.73
CA ALA B 237 16.37 6.89 10.97
C ALA B 237 15.21 6.12 11.62
N ILE B 238 15.50 4.93 12.09
CA ILE B 238 14.47 4.04 12.62
C ILE B 238 14.91 3.33 13.90
N THR B 239 14.02 3.26 14.87
CA THR B 239 14.27 2.50 16.09
C THR B 239 13.36 1.28 16.15
N ILE B 240 13.97 0.10 16.35
CA ILE B 240 13.24 -1.16 16.22
C ILE B 240 13.17 -1.94 17.53
N SER B 241 11.97 -2.37 17.89
CA SER B 241 11.79 -3.30 19.00
C SER B 241 11.60 -4.70 18.42
N THR B 242 12.48 -5.62 18.79
CA THR B 242 12.56 -6.90 18.11
C THR B 242 13.13 -8.02 18.98
N LEU B 243 12.74 -9.25 18.67
CA LEU B 243 13.23 -10.42 19.40
C LEU B 243 14.58 -10.88 18.86
N ASN B 244 14.88 -10.47 17.63
CA ASN B 244 16.07 -10.93 16.93
C ASN B 244 16.91 -9.77 16.41
N ASP B 245 18.20 -10.00 16.21
CA ASP B 245 19.05 -8.98 15.58
C ASP B 245 18.72 -8.89 14.10
N VAL B 246 17.95 -7.86 13.74
CA VAL B 246 17.50 -7.69 12.37
C VAL B 246 18.10 -6.44 11.71
N LEU B 247 19.21 -5.96 12.27
CA LEU B 247 19.85 -4.73 11.79
C LEU B 247 20.17 -4.79 10.30
N ASP B 248 20.82 -5.87 9.86
CA ASP B 248 21.17 -6.03 8.45
C ASP B 248 19.95 -6.05 7.54
N GLU B 249 18.93 -6.81 7.93
CA GLU B 249 17.70 -6.90 7.15
C GLU B 249 17.01 -5.54 7.09
N ALA B 250 17.07 -4.80 8.20
CA ALA B 250 16.45 -3.48 8.28
C ALA B 250 17.15 -2.49 7.36
N GLU B 251 18.47 -2.55 7.32
CA GLU B 251 19.26 -1.67 6.46
C GLU B 251 19.00 -1.97 4.99
N GLU B 252 18.82 -3.24 4.67
CA GLU B 252 18.47 -3.65 3.30
C GLU B 252 17.10 -3.14 2.88
N ILE B 253 16.14 -3.22 3.79
CA ILE B 253 14.80 -2.71 3.53
C ILE B 253 14.82 -1.20 3.33
N LEU B 254 15.60 -0.51 4.17
CA LEU B 254 15.77 0.94 4.04
C LEU B 254 16.40 1.28 2.69
N SER B 255 17.41 0.50 2.32
CA SER B 255 18.09 0.70 1.03
C SER B 255 17.14 0.45 -0.14
N ASN B 256 16.35 -0.62 -0.05
CA ASN B 256 15.38 -0.95 -1.10
C ASN B 256 14.34 0.14 -1.29
N ASN B 257 13.89 0.73 -0.18
CA ASN B 257 12.91 1.81 -0.24
C ASN B 257 13.50 3.09 -0.84
N ILE B 258 14.75 3.38 -0.50
CA ILE B 258 15.47 4.52 -1.06
C ILE B 258 15.58 4.38 -2.58
N ASN B 259 15.85 3.17 -3.05
CA ASN B 259 16.02 2.91 -4.47
C ASN B 259 14.73 2.88 -5.27
N LEU B 260 13.60 3.09 -4.59
CA LEU B 260 12.33 3.28 -5.29
C LEU B 260 12.27 4.67 -5.90
N ILE B 261 13.16 5.54 -5.44
CA ILE B 261 13.20 6.93 -5.89
C ILE B 261 13.92 7.07 -7.23
N TYR B 262 13.24 7.70 -8.17
CA TYR B 262 13.72 7.87 -9.54
C TYR B 262 13.70 9.32 -9.98
N SER B 263 14.83 9.80 -10.50
CA SER B 263 14.95 11.18 -10.92
C SER B 263 15.40 11.29 -12.38
N PHE B 264 14.78 12.19 -13.12
CA PHE B 264 15.20 12.45 -14.50
C PHE B 264 14.90 13.88 -14.87
N VAL B 265 15.59 14.37 -15.89
CA VAL B 265 15.39 15.73 -16.37
C VAL B 265 14.61 15.72 -17.69
N GLU B 266 13.46 16.37 -17.69
CA GLU B 266 12.69 16.52 -18.91
C GLU B 266 13.24 17.69 -19.71
N GLU B 267 13.67 17.40 -20.94
CA GLU B 267 14.20 18.45 -21.81
C GLU B 267 13.07 19.13 -22.56
N LEU B 268 13.05 20.45 -22.52
CA LEU B 268 12.04 21.23 -23.22
C LEU B 268 12.59 21.78 -24.54
N GLU C 12 6.06 -1.29 -33.88
CA GLU C 12 5.42 -0.13 -33.27
C GLU C 12 6.14 0.33 -32.01
N MET C 13 5.57 1.34 -31.36
CA MET C 13 6.14 1.96 -30.18
C MET C 13 5.82 1.14 -28.92
N VAL C 14 4.57 0.71 -28.84
CA VAL C 14 4.03 -0.03 -27.70
C VAL C 14 4.12 -1.54 -27.88
N LYS C 15 4.66 -2.24 -26.90
CA LYS C 15 4.79 -3.69 -27.02
C LYS C 15 3.82 -4.44 -26.11
N THR C 16 3.68 -5.73 -26.35
CA THR C 16 2.83 -6.59 -25.53
C THR C 16 3.66 -7.75 -25.01
N ILE C 17 3.75 -7.86 -23.68
CA ILE C 17 4.56 -8.90 -23.07
C ILE C 17 3.78 -9.72 -22.04
N ASP C 18 3.72 -11.03 -22.27
CA ASP C 18 3.18 -11.96 -21.29
C ASP C 18 4.30 -12.44 -20.38
N THR C 19 4.00 -12.60 -19.09
CA THR C 19 4.95 -13.23 -18.19
C THR C 19 5.08 -14.69 -18.57
N LYS C 20 6.26 -15.27 -18.35
CA LYS C 20 6.41 -16.70 -18.59
C LYS C 20 5.76 -17.49 -17.48
N THR C 21 5.77 -16.90 -16.29
CA THR C 21 5.08 -17.48 -15.15
C THR C 21 3.58 -17.50 -15.40
N ARG C 22 2.98 -18.67 -15.24
CA ARG C 22 1.55 -18.82 -15.42
C ARG C 22 0.86 -18.72 -14.06
N VAL C 23 -0.45 -18.58 -14.07
CA VAL C 23 -1.23 -18.55 -12.83
C VAL C 23 -0.99 -19.82 -12.02
N VAL C 24 -0.96 -20.94 -12.72
CA VAL C 24 -0.79 -22.25 -12.07
C VAL C 24 0.60 -22.36 -11.45
N ASP C 25 1.58 -21.67 -12.02
CA ASP C 25 2.93 -21.66 -11.48
C ASP C 25 2.96 -21.00 -10.10
N VAL C 26 2.15 -19.95 -9.95
CA VAL C 26 2.04 -19.26 -8.67
C VAL C 26 1.40 -20.15 -7.61
N THR C 27 0.30 -20.82 -7.99
CA THR C 27 -0.40 -21.72 -7.08
C THR C 27 0.51 -22.87 -6.66
N ASN C 28 1.30 -23.37 -7.61
CA ASN C 28 2.23 -24.45 -7.34
C ASN C 28 3.29 -24.04 -6.32
N GLU C 29 3.82 -22.82 -6.46
CA GLU C 29 4.83 -22.31 -5.55
C GLU C 29 4.27 -22.19 -4.13
N ILE C 30 3.03 -21.75 -4.01
CA ILE C 30 2.37 -21.60 -2.72
C ILE C 30 2.10 -22.97 -2.10
N ALA C 31 1.67 -23.91 -2.93
CA ALA C 31 1.43 -25.28 -2.47
C ALA C 31 2.72 -25.91 -1.94
N LYS C 32 3.83 -25.62 -2.60
CA LYS C 32 5.13 -26.14 -2.18
C LYS C 32 5.56 -25.58 -0.83
N LYS C 33 5.34 -24.29 -0.62
CA LYS C 33 5.66 -23.67 0.66
C LYS C 33 4.82 -24.26 1.79
N LYS C 34 3.54 -24.48 1.51
CA LYS C 34 2.63 -25.06 2.50
C LYS C 34 3.04 -26.48 2.89
N TYR C 35 3.35 -27.31 1.89
CA TYR C 35 3.72 -28.70 2.18
C TYR C 35 5.05 -28.79 2.90
N GLN C 36 6.00 -27.91 2.56
CA GLN C 36 7.30 -27.89 3.21
C GLN C 36 7.14 -27.68 4.70
N ALA C 37 6.17 -26.85 5.07
CA ALA C 37 5.86 -26.62 6.48
C ALA C 37 5.31 -27.89 7.12
N ILE C 38 4.44 -28.59 6.39
CA ILE C 38 3.90 -29.85 6.86
C ILE C 38 5.00 -30.92 6.99
N ARG C 39 5.87 -30.98 6.00
CA ARG C 39 6.94 -31.98 5.99
C ARG C 39 7.92 -31.74 7.14
N ASP C 40 8.20 -30.48 7.44
CA ASP C 40 9.06 -30.13 8.57
C ASP C 40 8.39 -30.55 9.88
N PHE C 41 7.07 -30.41 9.93
CA PHE C 41 6.30 -30.80 11.12
C PHE C 41 6.28 -32.31 11.32
N LEU C 42 6.08 -33.05 10.24
CA LEU C 42 5.93 -34.50 10.32
C LEU C 42 7.27 -35.18 10.57
N GLU C 43 8.35 -34.53 10.18
CA GLU C 43 9.70 -34.99 10.47
C GLU C 43 10.00 -36.41 9.98
N GLY C 44 9.37 -36.77 8.87
CA GLY C 44 9.61 -38.05 8.21
C GLY C 44 8.94 -39.25 8.84
N GLU C 45 7.98 -38.99 9.74
CA GLU C 45 7.19 -40.07 10.32
C GLU C 45 6.41 -40.80 9.21
N GLU C 46 6.35 -42.12 9.30
CA GLU C 46 5.61 -42.91 8.32
C GLU C 46 4.29 -43.39 8.89
N PHE C 47 3.30 -43.60 8.01
CA PHE C 47 1.95 -43.91 8.44
C PHE C 47 1.36 -45.10 7.67
N LYS C 48 0.41 -45.78 8.29
CA LYS C 48 -0.31 -46.88 7.65
C LYS C 48 -1.39 -46.36 6.73
N GLU C 49 -2.09 -45.32 7.19
CA GLU C 49 -3.26 -44.82 6.48
C GLU C 49 -3.46 -43.32 6.66
N VAL C 50 -3.39 -42.58 5.57
CA VAL C 50 -3.59 -41.14 5.61
C VAL C 50 -4.94 -40.76 5.03
N VAL C 51 -5.65 -39.89 5.73
CA VAL C 51 -6.89 -39.32 5.20
C VAL C 51 -6.76 -37.81 5.10
N ILE C 52 -6.92 -37.29 3.90
CA ILE C 52 -6.88 -35.86 3.66
C ILE C 52 -8.25 -35.36 3.20
N PHE C 53 -8.78 -34.37 3.90
CA PHE C 53 -10.07 -33.78 3.54
C PHE C 53 -9.87 -32.49 2.74
N GLY C 54 -10.37 -32.48 1.50
CA GLY C 54 -10.34 -31.29 0.66
C GLY C 54 -9.29 -31.32 -0.43
N VAL C 55 -9.71 -31.51 -1.68
CA VAL C 55 -8.77 -31.56 -2.80
C VAL C 55 -8.38 -30.15 -3.27
N TYR C 56 -9.35 -29.25 -3.37
CA TYR C 56 -9.08 -27.88 -3.82
C TYR C 56 -8.42 -27.11 -2.69
N LEU C 57 -7.27 -26.49 -2.96
CA LEU C 57 -6.62 -26.52 -4.27
C LEU C 57 -5.34 -27.36 -4.26
N TRP C 58 -4.86 -27.71 -3.07
CA TRP C 58 -3.59 -28.41 -2.96
C TRP C 58 -3.71 -29.75 -2.22
N GLY C 59 -4.90 -30.33 -2.26
CA GLY C 59 -5.14 -31.62 -1.64
C GLY C 59 -4.46 -32.77 -2.36
N ASN C 60 -4.51 -32.75 -3.69
CA ASN C 60 -3.88 -33.78 -4.50
C ASN C 60 -2.36 -33.79 -4.36
N TYR C 61 -1.78 -32.59 -4.41
CA TYR C 61 -0.34 -32.44 -4.24
C TYR C 61 0.12 -33.01 -2.90
N THR C 62 -0.60 -32.64 -1.84
CA THR C 62 -0.34 -33.16 -0.50
C THR C 62 -0.42 -34.68 -0.47
N ALA C 63 -1.45 -35.21 -1.11
CA ALA C 63 -1.68 -36.65 -1.16
C ALA C 63 -0.54 -37.37 -1.86
N GLN C 64 -0.09 -36.84 -3.00
CA GLN C 64 0.97 -37.49 -3.77
C GLN C 64 2.29 -37.47 -3.01
N MET C 65 2.55 -36.38 -2.31
CA MET C 65 3.79 -36.25 -1.55
C MET C 65 3.78 -37.19 -0.34
N LEU C 66 2.64 -37.30 0.32
CA LEU C 66 2.52 -38.15 1.51
C LEU C 66 2.47 -39.63 1.14
N SER C 67 2.20 -39.93 -0.13
CA SER C 67 2.09 -41.29 -0.60
C SER C 67 3.41 -42.06 -0.48
N LYS C 68 4.51 -41.30 -0.43
CA LYS C 68 5.84 -41.90 -0.28
C LYS C 68 6.09 -42.33 1.16
N TYR C 69 5.34 -41.75 2.08
CA TYR C 69 5.51 -42.03 3.50
C TYR C 69 4.36 -42.82 4.11
N ALA C 70 3.44 -43.28 3.27
CA ALA C 70 2.26 -43.98 3.76
C ALA C 70 1.89 -45.19 2.91
N ASP C 71 1.36 -46.22 3.56
CA ASP C 71 0.91 -47.43 2.86
C ASP C 71 -0.37 -47.16 2.08
N LYS C 72 -1.24 -46.32 2.65
CA LYS C 72 -2.50 -45.99 2.02
C LYS C 72 -2.82 -44.51 2.19
N VAL C 73 -3.28 -43.86 1.13
CA VAL C 73 -3.67 -42.46 1.20
C VAL C 73 -5.06 -42.25 0.61
N TYR C 74 -5.96 -41.72 1.43
CA TYR C 74 -7.29 -41.35 0.97
C TYR C 74 -7.43 -39.85 0.83
N LEU C 75 -7.96 -39.41 -0.31
CA LEU C 75 -8.25 -38.00 -0.51
C LEU C 75 -9.76 -37.84 -0.60
N VAL C 76 -10.34 -37.13 0.38
CA VAL C 76 -11.79 -37.11 0.54
C VAL C 76 -12.36 -35.71 0.32
N ASP C 77 -13.43 -35.63 -0.45
CA ASP C 77 -14.08 -34.36 -0.72
C ASP C 77 -15.60 -34.51 -0.73
N ILE C 78 -16.31 -33.49 -0.29
CA ILE C 78 -17.77 -33.53 -0.27
C ILE C 78 -18.33 -33.47 -1.69
N HIS C 79 -17.53 -32.97 -2.63
CA HIS C 79 -17.94 -32.87 -4.03
C HIS C 79 -17.26 -33.94 -4.90
N GLU C 80 -18.08 -34.75 -5.56
CA GLU C 80 -17.60 -35.84 -6.40
C GLU C 80 -16.78 -35.36 -7.60
N PHE C 81 -17.15 -34.21 -8.17
CA PHE C 81 -16.48 -33.72 -9.38
C PHE C 81 -15.01 -33.35 -9.11
N MET C 82 -14.67 -33.19 -7.84
CA MET C 82 -13.29 -32.91 -7.45
C MET C 82 -12.33 -34.04 -7.78
N LYS C 83 -12.89 -35.22 -8.07
CA LYS C 83 -12.12 -36.38 -8.49
C LYS C 83 -11.26 -36.06 -9.73
N GLY C 84 -11.77 -35.16 -10.56
CA GLY C 84 -11.06 -34.71 -11.75
C GLY C 84 -9.70 -34.13 -11.50
N PHE C 85 -9.47 -33.65 -10.28
CA PHE C 85 -8.17 -33.08 -9.91
C PHE C 85 -7.16 -34.15 -9.51
N VAL C 86 -7.61 -35.39 -9.43
CA VAL C 86 -6.75 -36.49 -9.04
C VAL C 86 -6.38 -37.28 -10.29
N PRO C 87 -5.13 -37.14 -10.75
CA PRO C 87 -4.62 -37.78 -11.96
C PRO C 87 -4.60 -39.31 -11.94
N ASN C 88 -4.57 -39.88 -13.14
CA ASN C 88 -4.67 -41.32 -13.38
C ASN C 88 -3.37 -42.05 -13.06
N ASN C 89 -2.28 -41.30 -12.89
CA ASN C 89 -0.98 -41.91 -12.61
C ASN C 89 -0.48 -41.79 -11.17
N ASN C 90 -1.36 -42.02 -10.21
CA ASN C 90 -0.96 -42.10 -8.82
C ASN C 90 -1.66 -43.19 -7.99
N SER C 91 -1.15 -43.40 -6.78
CA SER C 91 -1.68 -44.39 -5.84
C SER C 91 -2.81 -43.86 -4.97
N ILE C 92 -3.10 -42.57 -5.11
CA ILE C 92 -4.09 -41.88 -4.29
C ILE C 92 -5.50 -42.35 -4.56
N LYS C 93 -6.27 -42.57 -3.49
CA LYS C 93 -7.66 -42.97 -3.66
C LYS C 93 -8.63 -41.88 -3.24
N PHE C 94 -9.48 -41.51 -4.19
CA PHE C 94 -10.52 -40.51 -3.97
C PHE C 94 -11.81 -41.14 -3.45
N LEU C 95 -12.42 -40.48 -2.48
CA LEU C 95 -13.72 -40.86 -1.98
C LEU C 95 -14.53 -39.60 -1.75
N ASN C 96 -15.82 -39.61 -2.10
CA ASN C 96 -16.66 -38.53 -1.65
C ASN C 96 -16.99 -38.77 -0.18
N LEU C 97 -17.49 -37.76 0.51
CA LEU C 97 -17.67 -37.83 1.95
C LEU C 97 -18.60 -38.98 2.36
N ASN C 98 -19.67 -39.17 1.61
CA ASN C 98 -20.61 -40.25 1.89
C ASN C 98 -19.96 -41.63 1.78
N GLU C 99 -19.14 -41.82 0.75
CA GLU C 99 -18.41 -43.06 0.56
C GLU C 99 -17.43 -43.31 1.71
N PHE C 100 -16.76 -42.25 2.15
CA PHE C 100 -15.82 -42.36 3.25
C PHE C 100 -16.54 -42.72 4.55
N LYS C 101 -17.66 -42.06 4.78
CA LYS C 101 -18.51 -42.35 5.94
C LYS C 101 -18.97 -43.80 5.95
N LEU C 102 -19.34 -44.30 4.77
CA LEU C 102 -19.77 -45.68 4.61
C LEU C 102 -18.66 -46.65 4.99
N LYS C 103 -17.45 -46.37 4.53
CA LYS C 103 -16.30 -47.20 4.88
C LYS C 103 -16.02 -47.16 6.37
N PHE C 104 -16.26 -46.01 7.00
CA PHE C 104 -16.06 -45.86 8.43
C PHE C 104 -17.02 -46.75 9.20
N ILE C 105 -18.29 -46.73 8.78
CA ILE C 105 -19.32 -47.55 9.42
C ILE C 105 -18.99 -49.03 9.29
N ARG C 106 -18.38 -49.41 8.18
CA ARG C 106 -17.97 -50.79 7.96
C ARG C 106 -16.65 -51.14 8.63
N GLY C 107 -16.03 -50.15 9.28
CA GLY C 107 -14.77 -50.35 9.96
C GLY C 107 -13.62 -50.63 9.02
N GLU C 108 -13.68 -50.04 7.82
CA GLU C 108 -12.67 -50.28 6.80
C GLU C 108 -11.62 -49.17 6.72
N VAL C 109 -11.80 -48.11 7.51
CA VAL C 109 -10.79 -47.05 7.58
C VAL C 109 -10.51 -46.65 9.02
N ASN C 110 -9.24 -46.39 9.31
CA ASN C 110 -8.80 -46.00 10.64
C ASN C 110 -7.44 -45.29 10.58
N PRO C 111 -7.43 -44.04 10.08
CA PRO C 111 -6.20 -43.29 9.78
C PRO C 111 -5.38 -42.92 11.01
N ASP C 112 -4.06 -43.03 10.90
CA ASP C 112 -3.17 -42.58 11.95
C ASP C 112 -2.67 -41.16 11.65
N LEU C 113 -2.92 -40.70 10.43
CA LEU C 113 -2.69 -39.31 10.07
C LEU C 113 -3.92 -38.71 9.39
N ILE C 114 -4.39 -37.58 9.93
CA ILE C 114 -5.50 -36.87 9.32
C ILE C 114 -5.11 -35.42 9.01
N VAL C 115 -5.33 -35.01 7.76
CA VAL C 115 -5.04 -33.65 7.34
C VAL C 115 -6.32 -32.97 6.84
N ASP C 116 -6.71 -31.90 7.52
CA ASP C 116 -7.93 -31.19 7.17
C ASP C 116 -7.63 -29.88 6.43
N LEU C 117 -7.95 -29.84 5.14
CA LEU C 117 -7.69 -28.68 4.31
C LEU C 117 -8.98 -27.98 3.86
N THR C 118 -10.10 -28.30 4.51
CA THR C 118 -11.40 -27.87 4.02
C THR C 118 -11.69 -26.39 4.31
N GLY C 119 -11.08 -25.84 5.33
CA GLY C 119 -11.23 -24.42 5.64
C GLY C 119 -12.61 -24.03 6.14
N LEU C 120 -13.02 -22.82 5.80
CA LEU C 120 -14.28 -22.26 6.30
C LEU C 120 -15.50 -23.07 5.88
N GLY C 121 -16.35 -23.39 6.85
CA GLY C 121 -17.55 -24.16 6.59
C GLY C 121 -17.25 -25.58 6.17
N GLY C 122 -16.06 -26.06 6.54
CA GLY C 122 -15.60 -27.36 6.12
C GLY C 122 -16.06 -28.51 7.00
N ILE C 123 -15.15 -29.45 7.24
CA ILE C 123 -15.46 -30.67 7.98
C ILE C 123 -15.87 -30.36 9.43
N GLU C 124 -16.79 -31.15 9.96
CA GLU C 124 -17.33 -30.92 11.30
C GLU C 124 -16.46 -31.54 12.39
N PRO C 125 -16.26 -30.79 13.49
CA PRO C 125 -15.52 -31.28 14.65
C PRO C 125 -16.12 -32.56 15.23
N GLU C 126 -17.45 -32.65 15.29
CA GLU C 126 -18.11 -33.87 15.73
C GLU C 126 -17.66 -35.09 14.94
N PHE C 127 -17.59 -34.95 13.62
CA PHE C 127 -17.21 -36.06 12.75
C PHE C 127 -15.73 -36.44 12.96
N LEU C 128 -14.88 -35.43 13.04
CA LEU C 128 -13.44 -35.65 13.28
C LEU C 128 -13.19 -36.39 14.59
N ALA C 129 -14.00 -36.08 15.59
CA ALA C 129 -13.86 -36.67 16.92
C ALA C 129 -14.07 -38.19 16.92
N LYS C 130 -14.62 -38.71 15.84
CA LYS C 130 -14.91 -40.13 15.73
C LYS C 130 -13.63 -40.95 15.48
N PHE C 131 -12.57 -40.27 15.09
CA PHE C 131 -11.32 -40.94 14.71
C PHE C 131 -10.25 -40.83 15.79
N ASN C 132 -9.21 -41.64 15.66
CA ASN C 132 -8.12 -41.66 16.63
C ASN C 132 -6.74 -41.67 15.94
N PRO C 133 -6.38 -40.55 15.31
CA PRO C 133 -5.11 -40.49 14.60
C PRO C 133 -3.92 -40.31 15.54
N LYS C 134 -2.74 -40.67 15.08
CA LYS C 134 -1.50 -40.39 15.80
C LYS C 134 -1.14 -38.92 15.62
N VAL C 135 -1.40 -38.40 14.43
CA VAL C 135 -1.11 -37.00 14.10
C VAL C 135 -2.30 -36.36 13.41
N PHE C 136 -2.68 -35.16 13.84
CA PHE C 136 -3.74 -34.40 13.21
C PHE C 136 -3.24 -33.02 12.80
N ILE C 137 -3.39 -32.70 11.52
CA ILE C 137 -3.03 -31.38 11.00
C ILE C 137 -4.24 -30.68 10.40
N VAL C 138 -4.49 -29.46 10.84
CA VAL C 138 -5.58 -28.66 10.29
C VAL C 138 -5.03 -27.39 9.67
N GLU C 139 -5.51 -27.04 8.49
CA GLU C 139 -5.12 -25.78 7.87
C GLU C 139 -5.99 -24.65 8.38
N ASP C 140 -5.36 -23.67 9.02
CA ASP C 140 -6.04 -22.46 9.48
C ASP C 140 -6.37 -21.60 8.27
N PRO C 141 -7.67 -21.38 8.02
CA PRO C 141 -8.06 -20.59 6.84
C PRO C 141 -7.89 -19.09 7.02
N LYS C 142 -7.63 -18.63 8.24
CA LYS C 142 -7.59 -17.20 8.52
C LYS C 142 -6.34 -16.51 7.97
N GLY C 143 -6.50 -15.21 7.68
CA GLY C 143 -5.38 -14.37 7.31
C GLY C 143 -5.29 -13.22 8.31
N VAL C 144 -5.28 -11.99 7.81
CA VAL C 144 -5.31 -10.82 8.68
C VAL C 144 -6.64 -10.83 9.44
N PHE C 145 -6.67 -10.19 10.61
CA PHE C 145 -7.89 -10.19 11.43
C PHE C 145 -9.10 -9.60 10.72
N ASP C 146 -10.19 -10.34 10.77
CA ASP C 146 -11.47 -9.95 10.19
C ASP C 146 -12.55 -10.55 11.07
N VAL C 147 -13.40 -9.71 11.63
CA VAL C 147 -14.37 -10.13 12.64
C VAL C 147 -15.28 -11.26 12.15
N ASP C 148 -15.76 -11.14 10.93
CA ASP C 148 -16.67 -12.14 10.38
C ASP C 148 -15.95 -13.45 10.06
N ILE C 149 -14.77 -13.35 9.48
CA ILE C 149 -13.97 -14.53 9.15
C ILE C 149 -13.49 -15.24 10.41
N TYR C 150 -13.04 -14.46 11.39
CA TYR C 150 -12.58 -15.01 12.67
C TYR C 150 -13.71 -15.77 13.37
N GLU C 151 -14.91 -15.21 13.35
CA GLU C 151 -16.07 -15.85 13.96
C GLU C 151 -16.49 -17.11 13.21
N ALA C 152 -16.37 -17.08 11.89
CA ALA C 152 -16.77 -18.22 11.06
C ALA C 152 -15.79 -19.38 11.20
N ASP C 153 -14.56 -19.04 11.58
CA ASP C 153 -13.52 -20.06 11.73
C ASP C 153 -13.73 -20.85 13.02
N ASN C 154 -13.57 -22.17 12.93
CA ASN C 154 -13.67 -23.05 14.09
C ASN C 154 -12.51 -24.03 14.14
N THR C 155 -11.35 -23.58 13.66
CA THR C 155 -10.13 -24.38 13.63
C THR C 155 -9.82 -25.07 14.96
N TYR C 156 -9.90 -24.31 16.05
CA TYR C 156 -9.50 -24.82 17.35
C TYR C 156 -10.59 -25.63 18.03
N LYS C 157 -11.76 -25.70 17.40
CA LYS C 157 -12.76 -26.66 17.85
C LYS C 157 -12.55 -27.98 17.12
N ARG C 158 -11.84 -27.92 15.99
CA ARG C 158 -11.49 -29.12 15.24
C ARG C 158 -10.29 -29.83 15.88
N THR C 159 -9.42 -29.06 16.51
CA THR C 159 -8.24 -29.62 17.19
C THR C 159 -8.57 -30.17 18.58
N ALA C 160 -9.62 -29.63 19.19
CA ALA C 160 -9.98 -29.94 20.57
C ALA C 160 -10.06 -31.44 20.90
N PRO C 161 -10.70 -32.25 20.04
CA PRO C 161 -10.76 -33.67 20.43
C PRO C 161 -9.42 -34.40 20.38
N PHE C 162 -8.40 -33.79 19.75
CA PHE C 162 -7.12 -34.47 19.56
C PHE C 162 -6.01 -33.95 20.46
N ILE C 163 -6.27 -32.83 21.15
CA ILE C 163 -5.27 -32.23 22.03
C ILE C 163 -4.82 -33.19 23.13
N GLU C 164 -3.51 -33.21 23.37
CA GLU C 164 -2.88 -34.06 24.39
C GLU C 164 -3.09 -35.57 24.23
N LYS C 165 -3.66 -35.99 23.11
CA LYS C 165 -3.87 -37.42 22.85
C LYS C 165 -3.08 -37.79 21.61
N ALA C 166 -2.85 -36.78 20.78
CA ALA C 166 -2.11 -36.95 19.54
C ALA C 166 -1.22 -35.74 19.27
N LYS C 167 -0.32 -35.88 18.30
CA LYS C 167 0.46 -34.75 17.83
C LYS C 167 -0.41 -33.86 16.95
N VAL C 168 -0.64 -32.63 17.41
CA VAL C 168 -1.58 -31.74 16.73
C VAL C 168 -0.88 -30.50 16.20
N GLY C 169 -1.11 -30.20 14.91
CA GLY C 169 -0.51 -29.03 14.29
C GLY C 169 -1.52 -28.19 13.55
N VAL C 170 -1.36 -26.88 13.63
CA VAL C 170 -2.21 -25.95 12.89
C VAL C 170 -1.38 -25.22 11.84
N LEU C 171 -1.69 -25.45 10.57
CA LEU C 171 -0.93 -24.85 9.49
C LEU C 171 -1.40 -23.43 9.21
N LYS C 172 -0.49 -22.48 9.34
CA LYS C 172 -0.80 -21.07 9.09
C LYS C 172 0.03 -20.56 7.92
N THR C 173 -0.62 -19.85 7.01
CA THR C 173 0.06 -19.27 5.86
C THR C 173 -0.35 -17.81 5.68
N TYR C 174 0.65 -16.93 5.62
CA TYR C 174 0.40 -15.50 5.54
C TYR C 174 1.32 -14.78 4.55
N ARG C 175 0.98 -13.52 4.28
CA ARG C 175 1.77 -12.64 3.43
C ARG C 175 2.49 -11.54 4.21
N LYS C 176 3.81 -11.50 4.11
CA LYS C 176 4.61 -10.48 4.77
C LYS C 176 4.32 -9.08 4.26
N ALA C 177 4.00 -8.17 5.17
CA ALA C 177 3.79 -6.75 4.86
C ALA C 177 2.66 -6.52 3.87
N ARG C 178 1.78 -7.51 3.74
CA ARG C 178 0.63 -7.37 2.85
C ARG C 178 -0.63 -7.82 3.56
N VAL C 179 -1.78 -7.40 3.06
CA VAL C 179 -3.05 -7.82 3.63
C VAL C 179 -3.70 -8.89 2.76
N SER C 180 -3.95 -10.04 3.36
CA SER C 180 -4.79 -11.07 2.75
C SER C 180 -5.79 -11.56 3.77
N LYS C 181 -7.02 -11.81 3.32
CA LYS C 181 -8.11 -12.11 4.22
C LYS C 181 -8.15 -13.58 4.62
N THR C 182 -7.59 -14.45 3.78
CA THR C 182 -7.52 -15.87 4.09
C THR C 182 -6.16 -16.47 3.74
N SER C 183 -5.97 -17.73 4.09
CA SER C 183 -4.75 -18.45 3.76
C SER C 183 -4.95 -19.35 2.55
N GLY C 184 -6.12 -19.25 1.93
CA GLY C 184 -6.45 -20.07 0.78
C GLY C 184 -5.44 -19.93 -0.33
N THR C 185 -5.08 -21.05 -0.95
CA THR C 185 -4.07 -21.07 -2.00
C THR C 185 -4.40 -20.13 -3.15
N MET C 186 -5.65 -20.17 -3.61
CA MET C 186 -6.07 -19.33 -4.73
C MET C 186 -6.20 -17.87 -4.30
N THR C 187 -6.69 -17.64 -3.09
CA THR C 187 -6.78 -16.30 -2.54
C THR C 187 -5.42 -15.63 -2.50
N LEU C 188 -4.43 -16.35 -1.97
CA LEU C 188 -3.06 -15.86 -1.93
C LEU C 188 -2.51 -15.64 -3.32
N THR C 189 -2.90 -16.53 -4.25
CA THR C 189 -2.48 -16.43 -5.64
C THR C 189 -3.05 -15.16 -6.27
N ILE C 190 -4.34 -14.94 -6.07
CA ILE C 190 -5.02 -13.75 -6.55
C ILE C 190 -4.34 -12.47 -6.05
N ASP C 191 -4.15 -12.39 -4.74
CA ASP C 191 -3.55 -11.20 -4.14
C ASP C 191 -2.11 -10.98 -4.59
N THR C 192 -1.37 -12.08 -4.75
CA THR C 192 0.01 -12.01 -5.20
C THR C 192 0.12 -11.44 -6.61
N ILE C 193 -0.69 -11.97 -7.52
CA ILE C 193 -0.64 -11.56 -8.92
C ILE C 193 -1.14 -10.12 -9.12
N VAL C 194 -2.21 -9.76 -8.42
CA VAL C 194 -2.73 -8.40 -8.47
C VAL C 194 -1.70 -7.39 -7.97
N ASP C 195 -1.10 -7.67 -6.82
CA ASP C 195 -0.07 -6.82 -6.26
C ASP C 195 1.13 -6.71 -7.19
N ALA C 196 1.50 -7.83 -7.80
CA ALA C 196 2.63 -7.86 -8.73
C ALA C 196 2.35 -7.01 -9.96
N SER C 197 1.12 -7.07 -10.47
CA SER C 197 0.74 -6.32 -11.66
C SER C 197 0.82 -4.81 -11.41
N ARG C 198 0.50 -4.40 -10.19
CA ARG C 198 0.57 -3.00 -9.82
C ARG C 198 2.01 -2.53 -9.74
N GLU C 199 2.87 -3.38 -9.19
CA GLU C 199 4.28 -3.05 -9.05
C GLU C 199 4.98 -3.04 -10.42
N ILE C 200 4.60 -3.98 -11.28
CA ILE C 200 5.13 -4.02 -12.65
C ILE C 200 4.73 -2.76 -13.43
N THR C 201 3.50 -2.31 -13.20
CA THR C 201 2.98 -1.09 -13.80
C THR C 201 3.91 0.12 -13.57
N SER C 202 4.55 0.16 -12.41
CA SER C 202 5.38 1.30 -12.03
C SER C 202 6.71 1.36 -12.79
N LEU C 203 7.10 0.26 -13.43
CA LEU C 203 8.36 0.22 -14.17
C LEU C 203 8.40 1.26 -15.29
N ASP C 204 9.61 1.75 -15.59
CA ASP C 204 9.80 2.71 -16.66
C ASP C 204 9.29 2.18 -18.00
N GLY C 205 8.45 2.96 -18.66
CA GLY C 205 7.98 2.62 -19.99
C GLY C 205 6.74 1.75 -20.02
N VAL C 206 6.34 1.20 -18.88
CA VAL C 206 5.16 0.37 -18.81
C VAL C 206 3.91 1.24 -18.84
N LEU C 207 2.95 0.88 -19.67
CA LEU C 207 1.71 1.64 -19.80
C LEU C 207 0.66 1.11 -18.83
N TYR C 208 0.50 -0.21 -18.79
CA TYR C 208 -0.38 -0.87 -17.83
C TYR C 208 -0.05 -2.36 -17.76
N ALA C 209 -0.56 -3.02 -16.72
CA ALA C 209 -0.36 -4.45 -16.57
C ALA C 209 -1.65 -5.11 -16.07
N ILE C 210 -2.14 -6.08 -16.83
CA ILE C 210 -3.38 -6.77 -16.48
C ILE C 210 -3.11 -8.10 -15.77
N PRO C 211 -3.69 -8.27 -14.57
CA PRO C 211 -3.65 -9.58 -13.92
C PRO C 211 -4.66 -10.52 -14.56
N ASN C 212 -4.18 -11.62 -15.14
CA ASN C 212 -5.05 -12.50 -15.89
C ASN C 212 -5.73 -13.52 -14.99
N LEU C 213 -6.71 -13.04 -14.23
CA LEU C 213 -7.44 -13.88 -13.31
C LEU C 213 -8.86 -14.06 -13.77
N ARG C 214 -9.44 -15.19 -13.40
CA ARG C 214 -10.84 -15.45 -13.68
C ARG C 214 -11.54 -15.86 -12.39
N TYR C 215 -12.86 -15.87 -12.45
CA TYR C 215 -13.64 -16.27 -11.29
C TYR C 215 -13.72 -17.82 -11.31
N TYR C 216 -12.68 -18.47 -10.79
CA TYR C 216 -12.51 -19.92 -10.93
C TYR C 216 -13.57 -20.74 -10.21
N GLU C 217 -14.12 -20.21 -9.13
CA GLU C 217 -15.08 -20.99 -8.33
C GLU C 217 -16.44 -21.11 -9.02
N GLY C 218 -16.74 -20.19 -9.93
CA GLY C 218 -17.95 -20.30 -10.73
C GLY C 218 -17.80 -21.39 -11.77
N ILE C 219 -16.60 -21.46 -12.35
CA ILE C 219 -16.27 -22.47 -13.35
C ILE C 219 -16.31 -23.86 -12.74
N LEU C 220 -15.85 -23.97 -11.50
CA LEU C 220 -15.72 -25.27 -10.84
C LEU C 220 -16.97 -25.79 -10.15
N PHE C 221 -17.62 -24.95 -9.35
CA PHE C 221 -18.66 -25.43 -8.46
C PHE C 221 -20.06 -25.39 -9.05
N HIS C 222 -20.16 -24.93 -10.29
CA HIS C 222 -21.43 -24.50 -10.82
C HIS C 222 -21.46 -24.67 -12.34
N GLU C 223 -20.32 -25.06 -12.90
CA GLU C 223 -20.22 -25.62 -14.26
C GLU C 223 -19.49 -26.98 -14.26
N ASN C 224 -18.83 -27.31 -13.15
CA ASN C 224 -18.04 -28.55 -13.04
C ASN C 224 -17.06 -28.76 -14.19
N ASP C 225 -16.53 -27.66 -14.72
CA ASP C 225 -15.66 -27.70 -15.89
C ASP C 225 -14.21 -27.55 -15.47
N ILE C 226 -13.60 -28.65 -15.05
CA ILE C 226 -12.21 -28.66 -14.60
C ILE C 226 -11.27 -28.32 -15.76
N HIS C 227 -11.61 -28.77 -16.96
CA HIS C 227 -10.78 -28.49 -18.12
C HIS C 227 -10.68 -26.99 -18.38
N LYS C 228 -11.79 -26.27 -18.21
CA LYS C 228 -11.75 -24.83 -18.39
C LYS C 228 -10.93 -24.18 -17.29
N PHE C 229 -11.08 -24.68 -16.07
CA PHE C 229 -10.29 -24.18 -14.94
C PHE C 229 -8.79 -24.35 -15.20
N LEU C 230 -8.40 -25.56 -15.58
CA LEU C 230 -7.01 -25.86 -15.84
C LEU C 230 -6.50 -25.04 -17.02
N SER C 231 -7.37 -24.82 -17.99
CA SER C 231 -7.04 -24.01 -19.15
C SER C 231 -6.82 -22.55 -18.74
N GLU C 232 -7.68 -22.04 -17.87
CA GLU C 232 -7.61 -20.66 -17.45
C GLU C 232 -6.39 -20.38 -16.57
N ILE C 233 -6.04 -21.32 -15.70
CA ILE C 233 -4.88 -21.13 -14.82
C ILE C 233 -3.56 -21.37 -15.54
N SER C 234 -3.61 -21.93 -16.74
CA SER C 234 -2.39 -22.16 -17.52
C SER C 234 -2.00 -20.91 -18.29
N GLN C 235 -2.85 -19.88 -18.19
CA GLN C 235 -2.61 -18.60 -18.86
C GLN C 235 -1.47 -17.87 -18.16
N PRO C 236 -0.74 -17.02 -18.90
CA PRO C 236 0.27 -16.19 -18.24
C PRO C 236 -0.34 -15.34 -17.15
N ALA C 237 0.34 -15.23 -16.02
CA ALA C 237 -0.21 -14.54 -14.86
C ALA C 237 -0.54 -13.08 -15.16
N ILE C 238 0.34 -12.42 -15.90
CA ILE C 238 0.19 -10.99 -16.16
C ILE C 238 0.51 -10.64 -17.62
N THR C 239 -0.32 -9.79 -18.22
CA THR C 239 -0.05 -9.27 -19.56
C THR C 239 0.30 -7.80 -19.48
N ILE C 240 1.41 -7.42 -20.10
CA ILE C 240 1.97 -6.08 -19.94
C ILE C 240 1.99 -5.29 -21.24
N SER C 241 1.45 -4.08 -21.19
CA SER C 241 1.59 -3.14 -22.29
C SER C 241 2.70 -2.15 -21.95
N THR C 242 3.73 -2.10 -22.77
CA THR C 242 4.95 -1.40 -22.39
C THR C 242 5.76 -0.93 -23.60
N LEU C 243 6.53 0.13 -23.40
CA LEU C 243 7.40 0.66 -24.44
C LEU C 243 8.71 -0.11 -24.49
N ASN C 244 9.03 -0.81 -23.40
CA ASN C 244 10.31 -1.50 -23.30
C ASN C 244 10.13 -2.97 -22.90
N ASP C 245 11.11 -3.80 -23.27
CA ASP C 245 11.11 -5.21 -22.86
C ASP C 245 11.43 -5.34 -21.36
N VAL C 246 10.39 -5.57 -20.56
CA VAL C 246 10.55 -5.65 -19.11
C VAL C 246 10.27 -7.05 -18.56
N LEU C 247 10.33 -8.06 -19.41
CA LEU C 247 10.00 -9.43 -19.02
C LEU C 247 10.79 -9.93 -17.81
N ASP C 248 12.11 -9.77 -17.86
CA ASP C 248 12.98 -10.21 -16.77
C ASP C 248 12.64 -9.51 -15.45
N GLU C 249 12.45 -8.20 -15.50
CA GLU C 249 12.09 -7.43 -14.32
C GLU C 249 10.71 -7.83 -13.77
N ALA C 250 9.79 -8.17 -14.67
CA ALA C 250 8.45 -8.58 -14.26
C ALA C 250 8.46 -9.91 -13.51
N GLU C 251 9.26 -10.84 -14.01
CA GLU C 251 9.40 -12.16 -13.39
C GLU C 251 10.05 -12.05 -12.02
N GLU C 252 10.99 -11.12 -11.91
CA GLU C 252 11.67 -10.82 -10.66
C GLU C 252 10.71 -10.27 -9.61
N ILE C 253 9.85 -9.35 -10.04
CA ILE C 253 8.83 -8.77 -9.17
C ILE C 253 7.80 -9.79 -8.73
N LEU C 254 7.38 -10.62 -9.69
CA LEU C 254 6.44 -11.69 -9.43
C LEU C 254 7.02 -12.67 -8.42
N SER C 255 8.30 -12.98 -8.59
CA SER C 255 9.01 -13.86 -7.66
C SER C 255 9.13 -13.26 -6.27
N ASN C 256 9.45 -11.97 -6.21
CA ASN C 256 9.57 -11.27 -4.92
C ASN C 256 8.26 -11.24 -4.14
N ASN C 257 7.15 -11.06 -4.84
CA ASN C 257 5.84 -11.05 -4.20
C ASN C 257 5.45 -12.44 -3.69
N ILE C 258 5.79 -13.47 -4.48
CA ILE C 258 5.57 -14.85 -4.05
C ILE C 258 6.34 -15.15 -2.76
N ASN C 259 7.57 -14.64 -2.67
CA ASN C 259 8.42 -14.90 -1.52
C ASN C 259 8.00 -14.12 -0.27
N LEU C 260 6.97 -13.30 -0.38
CA LEU C 260 6.39 -12.66 0.78
C LEU C 260 5.52 -13.66 1.55
N ILE C 261 5.16 -14.75 0.89
CA ILE C 261 4.29 -15.76 1.49
C ILE C 261 5.08 -16.70 2.41
N TYR C 262 4.62 -16.81 3.65
CA TYR C 262 5.31 -17.60 4.66
C TYR C 262 4.36 -18.60 5.32
N SER C 263 4.77 -19.87 5.37
CA SER C 263 3.93 -20.92 5.95
C SER C 263 4.63 -21.66 7.08
N PHE C 264 3.93 -21.92 8.17
CA PHE C 264 4.49 -22.69 9.27
C PHE C 264 3.39 -23.41 10.04
N VAL C 265 3.77 -24.51 10.70
CA VAL C 265 2.81 -25.27 11.51
C VAL C 265 3.05 -25.02 12.98
N GLU C 266 2.04 -24.49 13.66
CA GLU C 266 2.09 -24.31 15.10
C GLU C 266 1.69 -25.60 15.80
N GLU C 267 2.59 -26.13 16.63
CA GLU C 267 2.30 -27.34 17.37
C GLU C 267 1.53 -27.02 18.65
N LEU C 268 0.44 -27.74 18.87
CA LEU C 268 -0.38 -27.55 20.05
C LEU C 268 -0.06 -28.59 21.12
N GLU D 12 2.09 33.37 4.10
CA GLU D 12 2.72 32.53 3.09
C GLU D 12 1.79 31.37 2.77
N MET D 13 2.05 30.68 1.67
CA MET D 13 1.10 29.69 1.15
C MET D 13 1.09 28.32 1.84
N VAL D 14 2.24 27.79 2.26
CA VAL D 14 2.25 26.48 2.92
C VAL D 14 2.05 26.62 4.42
N LYS D 15 1.08 25.90 4.97
CA LYS D 15 0.77 25.98 6.40
C LYS D 15 1.11 24.75 7.22
N THR D 16 1.04 24.92 8.54
CA THR D 16 1.35 23.86 9.48
C THR D 16 0.16 23.58 10.41
N ILE D 17 -0.28 22.33 10.42
CA ILE D 17 -1.41 21.95 11.27
C ILE D 17 -1.06 20.76 12.14
N ASP D 18 -1.13 20.97 13.45
CA ASP D 18 -1.02 19.88 14.40
C ASP D 18 -2.41 19.35 14.69
N THR D 19 -2.53 18.03 14.84
CA THR D 19 -3.79 17.45 15.28
C THR D 19 -4.05 17.87 16.71
N LYS D 20 -5.31 18.01 17.08
CA LYS D 20 -5.64 18.32 18.47
C LYS D 20 -5.48 17.05 19.29
N THR D 21 -5.69 15.90 18.66
CA THR D 21 -5.43 14.61 19.27
C THR D 21 -3.93 14.44 19.55
N ARG D 22 -3.60 14.09 20.78
CA ARG D 22 -2.21 13.86 21.16
C ARG D 22 -1.91 12.37 21.11
N VAL D 23 -0.62 12.01 21.19
CA VAL D 23 -0.21 10.61 21.22
C VAL D 23 -0.84 9.88 22.40
N VAL D 24 -0.88 10.54 23.55
CA VAL D 24 -1.43 9.94 24.76
C VAL D 24 -2.95 9.71 24.63
N ASP D 25 -3.60 10.55 23.83
CA ASP D 25 -5.04 10.39 23.60
C ASP D 25 -5.33 9.10 22.84
N VAL D 26 -4.44 8.75 21.90
CA VAL D 26 -4.57 7.51 21.15
C VAL D 26 -4.38 6.32 22.09
N THR D 27 -3.35 6.39 22.94
CA THR D 27 -3.07 5.33 23.89
C THR D 27 -4.23 5.15 24.87
N ASN D 28 -4.82 6.27 25.30
CA ASN D 28 -5.96 6.23 26.20
C ASN D 28 -7.18 5.54 25.57
N GLU D 29 -7.44 5.87 24.31
CA GLU D 29 -8.57 5.26 23.59
C GLU D 29 -8.39 3.75 23.45
N ILE D 30 -7.15 3.34 23.20
CA ILE D 30 -6.86 1.91 23.06
C ILE D 30 -7.00 1.22 24.41
N ALA D 31 -6.53 1.89 25.47
CA ALA D 31 -6.67 1.38 26.83
C ALA D 31 -8.13 1.21 27.22
N LYS D 32 -8.96 2.16 26.81
CA LYS D 32 -10.40 2.12 27.12
C LYS D 32 -11.07 0.95 26.43
N LYS D 33 -10.69 0.68 25.19
CA LYS D 33 -11.22 -0.46 24.44
C LYS D 33 -10.84 -1.76 25.13
N LYS D 34 -9.58 -1.84 25.58
CA LYS D 34 -9.09 -3.03 26.27
C LYS D 34 -9.85 -3.27 27.57
N TYR D 35 -10.04 -2.23 28.36
CA TYR D 35 -10.74 -2.39 29.62
C TYR D 35 -12.22 -2.75 29.44
N GLN D 36 -12.85 -2.17 28.42
CA GLN D 36 -14.25 -2.49 28.13
C GLN D 36 -14.42 -3.97 27.84
N ALA D 37 -13.45 -4.57 27.16
CA ALA D 37 -13.47 -6.00 26.89
C ALA D 37 -13.34 -6.78 28.20
N ILE D 38 -12.45 -6.31 29.07
CA ILE D 38 -12.27 -6.91 30.39
C ILE D 38 -13.55 -6.76 31.22
N ARG D 39 -14.13 -5.56 31.15
CA ARG D 39 -15.34 -5.24 31.91
C ARG D 39 -16.55 -6.08 31.53
N ASP D 40 -16.72 -6.28 30.22
CA ASP D 40 -17.83 -7.09 29.72
C ASP D 40 -17.66 -8.55 30.10
N PHE D 41 -16.42 -9.01 30.14
CA PHE D 41 -16.12 -10.39 30.51
C PHE D 41 -16.46 -10.65 31.97
N LEU D 42 -16.12 -9.68 32.83
CA LEU D 42 -16.31 -9.84 34.27
C LEU D 42 -17.79 -9.75 34.65
N GLU D 43 -18.58 -9.10 33.79
CA GLU D 43 -20.02 -9.02 33.95
C GLU D 43 -20.45 -8.40 35.28
N GLY D 44 -19.62 -7.50 35.80
CA GLY D 44 -19.92 -6.76 37.01
C GLY D 44 -19.71 -7.54 38.30
N GLU D 45 -19.04 -8.68 38.21
CA GLU D 45 -18.68 -9.45 39.39
C GLU D 45 -17.78 -8.64 40.33
N GLU D 46 -18.03 -8.75 41.63
CA GLU D 46 -17.22 -8.06 42.63
C GLU D 46 -16.24 -9.02 43.30
N PHE D 47 -15.10 -8.50 43.75
CA PHE D 47 -14.03 -9.33 44.27
C PHE D 47 -13.48 -8.84 45.59
N LYS D 48 -12.89 -9.73 46.38
CA LYS D 48 -12.23 -9.33 47.62
C LYS D 48 -10.85 -8.75 47.34
N GLU D 49 -10.11 -9.37 46.42
CA GLU D 49 -8.72 -9.00 46.21
C GLU D 49 -8.28 -9.19 44.76
N VAL D 50 -7.92 -8.10 44.10
CA VAL D 50 -7.45 -8.16 42.72
C VAL D 50 -5.94 -7.91 42.65
N VAL D 51 -5.25 -8.75 41.89
CA VAL D 51 -3.84 -8.53 41.61
C VAL D 51 -3.62 -8.36 40.11
N ILE D 52 -3.03 -7.23 39.73
CA ILE D 52 -2.72 -6.97 38.33
C ILE D 52 -1.21 -6.95 38.10
N PHE D 53 -0.75 -7.78 37.18
CA PHE D 53 0.67 -7.83 36.83
C PHE D 53 0.96 -7.02 35.58
N GLY D 54 1.83 -6.02 35.71
CA GLY D 54 2.26 -5.21 34.57
C GLY D 54 1.64 -3.83 34.54
N VAL D 55 2.44 -2.82 34.86
CA VAL D 55 1.98 -1.44 34.90
C VAL D 55 1.94 -0.81 33.50
N TYR D 56 3.02 -0.99 32.76
CA TYR D 56 3.13 -0.47 31.40
C TYR D 56 2.32 -1.35 30.46
N LEU D 57 1.44 -0.75 29.66
CA LEU D 57 1.21 0.70 29.63
C LEU D 57 -0.15 1.07 30.21
N TRP D 58 -1.03 0.08 30.39
CA TRP D 58 -2.38 0.36 30.85
C TRP D 58 -2.72 -0.38 32.14
N GLY D 59 -1.69 -0.69 32.92
CA GLY D 59 -1.86 -1.36 34.20
C GLY D 59 -2.49 -0.47 35.27
N ASN D 60 -2.08 0.78 35.32
CA ASN D 60 -2.61 1.74 36.29
C ASN D 60 -4.09 2.02 36.05
N TYR D 61 -4.45 2.24 34.79
CA TYR D 61 -5.84 2.46 34.41
C TYR D 61 -6.72 1.29 34.82
N THR D 62 -6.24 0.08 34.52
CA THR D 62 -6.95 -1.15 34.91
C THR D 62 -7.16 -1.21 36.42
N ALA D 63 -6.11 -0.87 37.17
CA ALA D 63 -6.18 -0.89 38.63
C ALA D 63 -7.22 0.08 39.19
N GLN D 64 -7.24 1.30 38.65
CA GLN D 64 -8.15 2.32 39.15
C GLN D 64 -9.61 1.99 38.83
N MET D 65 -9.85 1.42 37.65
CA MET D 65 -11.19 1.07 37.25
C MET D 65 -11.73 -0.14 38.04
N LEU D 66 -10.87 -1.13 38.26
CA LEU D 66 -11.28 -2.32 38.98
C LEU D 66 -11.42 -2.09 40.48
N SER D 67 -10.85 -0.98 40.96
CA SER D 67 -10.84 -0.69 42.39
C SER D 67 -12.25 -0.50 42.97
N LYS D 68 -13.21 -0.15 42.11
CA LYS D 68 -14.59 0.01 42.55
C LYS D 68 -15.28 -1.34 42.71
N TYR D 69 -14.70 -2.39 42.13
CA TYR D 69 -15.30 -3.72 42.20
C TYR D 69 -14.53 -4.62 43.14
N ALA D 70 -13.54 -4.06 43.83
CA ALA D 70 -12.70 -4.86 44.70
C ALA D 70 -12.40 -4.14 46.01
N ASP D 71 -12.30 -4.91 47.09
CA ASP D 71 -11.96 -4.35 48.39
C ASP D 71 -10.49 -3.96 48.43
N LYS D 72 -9.67 -4.74 47.74
CA LYS D 72 -8.23 -4.49 47.69
C LYS D 72 -7.70 -4.71 46.30
N VAL D 73 -6.85 -3.79 45.83
CA VAL D 73 -6.24 -3.92 44.52
C VAL D 73 -4.73 -3.76 44.60
N TYR D 74 -4.01 -4.80 44.17
CA TYR D 74 -2.56 -4.74 44.10
C TYR D 74 -2.11 -4.61 42.65
N LEU D 75 -1.19 -3.67 42.41
CA LEU D 75 -0.60 -3.50 41.10
C LEU D 75 0.88 -3.85 41.19
N VAL D 76 1.28 -4.92 40.50
CA VAL D 76 2.60 -5.49 40.67
C VAL D 76 3.45 -5.42 39.40
N ASP D 77 4.70 -5.00 39.56
CA ASP D 77 5.63 -4.90 38.42
C ASP D 77 7.04 -5.32 38.85
N ILE D 78 7.80 -5.92 37.94
CA ILE D 78 9.18 -6.32 38.27
C ILE D 78 10.09 -5.11 38.46
N HIS D 79 9.69 -3.98 37.89
CA HIS D 79 10.47 -2.76 38.01
C HIS D 79 9.87 -1.81 39.03
N GLU D 80 10.67 -1.46 40.03
CA GLU D 80 10.22 -0.60 41.12
C GLU D 80 9.84 0.81 40.63
N PHE D 81 10.56 1.31 39.63
CA PHE D 81 10.32 2.68 39.16
C PHE D 81 8.94 2.86 38.53
N MET D 82 8.29 1.75 38.17
CA MET D 82 6.94 1.80 37.61
C MET D 82 5.92 2.35 38.62
N LYS D 83 6.33 2.40 39.87
CA LYS D 83 5.53 2.96 40.95
C LYS D 83 5.12 4.41 40.66
N GLY D 84 5.96 5.12 39.91
CA GLY D 84 5.71 6.49 39.53
C GLY D 84 4.41 6.74 38.77
N PHE D 85 3.88 5.71 38.14
CA PHE D 85 2.63 5.84 37.38
C PHE D 85 1.39 5.70 38.26
N VAL D 86 1.59 5.37 39.53
CA VAL D 86 0.46 5.15 40.44
C VAL D 86 0.29 6.31 41.42
N PRO D 87 -0.75 7.14 41.21
CA PRO D 87 -1.11 8.33 42.00
C PRO D 87 -1.49 8.04 43.46
N ASN D 88 -1.38 9.06 44.30
CA ASN D 88 -1.51 8.93 45.75
C ASN D 88 -2.94 8.79 46.30
N ASN D 89 -3.92 9.29 45.56
CA ASN D 89 -5.27 9.36 46.07
C ASN D 89 -6.17 8.25 45.57
N ASN D 90 -5.64 7.04 45.73
CA ASN D 90 -6.36 5.81 45.51
C ASN D 90 -6.03 4.73 46.54
N SER D 91 -6.80 3.65 46.53
CA SER D 91 -6.59 2.54 47.43
C SER D 91 -5.56 1.56 46.84
N ILE D 92 -5.20 1.84 45.59
CA ILE D 92 -4.29 0.97 44.85
C ILE D 92 -2.94 0.85 45.55
N LYS D 93 -2.45 -0.37 45.70
CA LYS D 93 -1.17 -0.59 46.32
C LYS D 93 -0.17 -1.15 45.32
N PHE D 94 0.95 -0.45 45.15
CA PHE D 94 2.00 -0.93 44.28
C PHE D 94 2.98 -1.80 45.05
N LEU D 95 3.37 -2.91 44.44
CA LEU D 95 4.39 -3.77 44.97
C LEU D 95 5.28 -4.23 43.83
N ASN D 96 6.59 -4.31 44.05
CA ASN D 96 7.42 -4.97 43.06
C ASN D 96 7.21 -6.47 43.20
N LEU D 97 7.66 -7.24 42.22
CA LEU D 97 7.36 -8.67 42.18
C LEU D 97 7.87 -9.41 43.41
N ASN D 98 9.07 -9.06 43.85
CA ASN D 98 9.67 -9.68 45.03
C ASN D 98 8.84 -9.40 46.29
N GLU D 99 8.40 -8.15 46.44
CA GLU D 99 7.56 -7.78 47.58
C GLU D 99 6.24 -8.55 47.55
N PHE D 100 5.67 -8.72 46.36
CA PHE D 100 4.42 -9.44 46.22
C PHE D 100 4.60 -10.92 46.57
N LYS D 101 5.69 -11.51 46.09
CA LYS D 101 6.00 -12.90 46.40
C LYS D 101 6.10 -13.13 47.90
N LEU D 102 6.77 -12.22 48.60
CA LEU D 102 6.90 -12.32 50.05
C LEU D 102 5.56 -12.27 50.76
N LYS D 103 4.70 -11.33 50.33
CA LYS D 103 3.37 -11.19 50.91
C LYS D 103 2.55 -12.45 50.66
N PHE D 104 2.76 -13.05 49.49
CA PHE D 104 2.07 -14.29 49.12
C PHE D 104 2.53 -15.44 50.01
N ILE D 105 3.84 -15.58 50.17
CA ILE D 105 4.41 -16.64 50.99
C ILE D 105 3.95 -16.52 52.43
N ARG D 106 3.77 -15.28 52.88
CA ARG D 106 3.30 -15.01 54.24
C ARG D 106 1.79 -15.16 54.40
N GLY D 107 1.11 -15.48 53.30
CA GLY D 107 -0.33 -15.65 53.33
C GLY D 107 -1.09 -14.36 53.59
N GLU D 108 -0.54 -13.25 53.13
CA GLU D 108 -1.14 -11.95 53.37
C GLU D 108 -1.91 -11.48 52.13
N VAL D 109 -1.77 -12.21 51.04
CA VAL D 109 -2.53 -11.94 49.83
C VAL D 109 -3.03 -13.26 49.24
N ASN D 110 -4.25 -13.24 48.72
CA ASN D 110 -4.86 -14.43 48.12
C ASN D 110 -5.96 -13.99 47.15
N PRO D 111 -5.55 -13.48 45.99
CA PRO D 111 -6.46 -12.84 45.04
C PRO D 111 -7.48 -13.80 44.43
N ASP D 112 -8.73 -13.34 44.31
CA ASP D 112 -9.75 -14.11 43.63
C ASP D 112 -9.88 -13.66 42.17
N LEU D 113 -9.24 -12.54 41.85
CA LEU D 113 -9.10 -12.12 40.45
C LEU D 113 -7.64 -11.81 40.15
N ILE D 114 -7.11 -12.43 39.11
CA ILE D 114 -5.75 -12.16 38.66
C ILE D 114 -5.76 -11.69 37.21
N VAL D 115 -5.13 -10.56 36.96
CA VAL D 115 -5.02 -10.01 35.61
C VAL D 115 -3.55 -9.90 35.22
N ASP D 116 -3.16 -10.65 34.19
CA ASP D 116 -1.77 -10.68 33.74
C ASP D 116 -1.59 -9.88 32.45
N LEU D 117 -0.93 -8.73 32.55
CA LEU D 117 -0.71 -7.85 31.41
C LEU D 117 0.76 -7.79 30.98
N THR D 118 1.56 -8.73 31.46
CA THR D 118 3.01 -8.64 31.29
C THR D 118 3.50 -8.98 29.88
N GLY D 119 2.74 -9.81 29.17
CA GLY D 119 3.07 -10.13 27.79
C GLY D 119 4.30 -11.00 27.62
N LEU D 120 5.00 -10.81 26.50
CA LEU D 120 6.15 -11.63 26.14
C LEU D 120 7.28 -11.56 27.17
N GLY D 121 7.77 -12.72 27.58
CA GLY D 121 8.84 -12.82 28.55
C GLY D 121 8.41 -12.33 29.92
N GLY D 122 7.10 -12.35 30.16
CA GLY D 122 6.54 -11.82 31.38
C GLY D 122 6.49 -12.82 32.53
N ILE D 123 5.38 -12.79 33.27
CA ILE D 123 5.22 -13.61 34.46
C ILE D 123 5.23 -15.10 34.10
N GLU D 124 5.78 -15.91 34.98
CA GLU D 124 5.94 -17.34 34.73
C GLU D 124 4.67 -18.12 35.11
N PRO D 125 4.25 -19.06 34.25
CA PRO D 125 3.10 -19.93 34.52
C PRO D 125 3.28 -20.69 35.83
N GLU D 126 4.51 -21.12 36.06
CA GLU D 126 4.90 -21.82 37.29
C GLU D 126 4.47 -21.00 38.50
N PHE D 127 4.74 -19.71 38.45
CA PHE D 127 4.41 -18.80 39.55
C PHE D 127 2.90 -18.61 39.68
N LEU D 128 2.24 -18.39 38.54
CA LEU D 128 0.79 -18.21 38.51
C LEU D 128 0.04 -19.42 39.07
N ALA D 129 0.55 -20.62 38.78
CA ALA D 129 -0.08 -21.86 39.20
C ALA D 129 -0.15 -22.00 40.72
N LYS D 130 0.60 -21.17 41.42
CA LYS D 130 0.66 -21.24 42.88
C LYS D 130 -0.58 -20.63 43.51
N PHE D 131 -1.37 -19.92 42.70
CA PHE D 131 -2.53 -19.19 43.18
C PHE D 131 -3.84 -19.91 42.89
N ASN D 132 -4.91 -19.46 43.53
CA ASN D 132 -6.24 -20.05 43.32
C ASN D 132 -7.32 -18.99 43.14
N PRO D 133 -7.26 -18.25 42.02
CA PRO D 133 -8.26 -17.21 41.80
C PRO D 133 -9.59 -17.78 41.34
N LYS D 134 -10.66 -17.00 41.52
CA LYS D 134 -11.96 -17.35 40.95
C LYS D 134 -11.97 -17.03 39.46
N VAL D 135 -11.30 -15.94 39.10
CA VAL D 135 -11.23 -15.50 37.71
C VAL D 135 -9.79 -15.15 37.34
N PHE D 136 -9.33 -15.68 36.19
CA PHE D 136 -8.00 -15.37 35.70
C PHE D 136 -8.06 -14.81 34.29
N ILE D 137 -7.46 -13.63 34.10
CA ILE D 137 -7.39 -13.02 32.78
C ILE D 137 -5.94 -12.78 32.36
N VAL D 138 -5.57 -13.25 31.18
CA VAL D 138 -4.25 -13.02 30.65
C VAL D 138 -4.36 -12.27 29.31
N GLU D 139 -3.53 -11.26 29.12
CA GLU D 139 -3.51 -10.56 27.85
C GLU D 139 -2.61 -11.28 26.84
N ASP D 140 -3.21 -11.69 25.73
CA ASP D 140 -2.48 -12.28 24.63
C ASP D 140 -1.68 -11.19 23.93
N PRO D 141 -0.34 -11.30 23.97
CA PRO D 141 0.51 -10.26 23.36
C PRO D 141 0.61 -10.39 21.85
N LYS D 142 0.13 -11.49 21.29
CA LYS D 142 0.32 -11.75 19.86
C LYS D 142 -0.57 -10.86 18.97
N GLY D 143 -0.10 -10.61 17.76
CA GLY D 143 -0.88 -9.91 16.75
C GLY D 143 -1.06 -10.79 15.53
N VAL D 144 -0.67 -10.28 14.36
CA VAL D 144 -0.70 -11.03 13.12
C VAL D 144 0.23 -12.23 13.23
N PHE D 145 -0.01 -13.27 12.43
CA PHE D 145 0.80 -14.48 12.47
C PHE D 145 2.27 -14.16 12.26
N ASP D 146 3.11 -14.63 13.19
CA ASP D 146 4.54 -14.43 13.12
C ASP D 146 5.21 -15.60 13.83
N VAL D 147 6.03 -16.36 13.10
CA VAL D 147 6.59 -17.60 13.64
C VAL D 147 7.41 -17.37 14.91
N ASP D 148 8.23 -16.32 14.95
CA ASP D 148 9.07 -16.05 16.11
C ASP D 148 8.25 -15.56 17.31
N ILE D 149 7.28 -14.69 17.07
CA ILE D 149 6.44 -14.17 18.13
C ILE D 149 5.58 -15.28 18.73
N TYR D 150 5.02 -16.12 17.88
CA TYR D 150 4.24 -17.26 18.33
C TYR D 150 5.07 -18.21 19.19
N GLU D 151 6.31 -18.43 18.78
CA GLU D 151 7.20 -19.31 19.54
C GLU D 151 7.54 -18.72 20.90
N ALA D 152 7.71 -17.40 20.94
CA ALA D 152 8.07 -16.71 22.19
C ALA D 152 6.90 -16.62 23.16
N ASP D 153 5.68 -16.67 22.62
CA ASP D 153 4.48 -16.55 23.43
C ASP D 153 4.14 -17.84 24.18
N ASN D 154 3.75 -17.72 25.44
CA ASN D 154 3.32 -18.88 26.23
C ASN D 154 2.02 -18.59 26.98
N THR D 155 1.17 -17.76 26.37
CA THR D 155 -0.11 -17.36 26.93
C THR D 155 -0.95 -18.53 27.43
N TYR D 156 -1.07 -19.57 26.60
CA TYR D 156 -1.93 -20.69 26.92
C TYR D 156 -1.26 -21.69 27.86
N LYS D 157 0.00 -21.43 28.19
CA LYS D 157 0.63 -22.16 29.29
C LYS D 157 0.38 -21.45 30.60
N ARG D 158 0.04 -20.17 30.52
CA ARG D 158 -0.31 -19.40 31.70
C ARG D 158 -1.75 -19.68 32.12
N THR D 159 -2.59 -20.02 31.14
CA THR D 159 -3.99 -20.37 31.42
C THR D 159 -4.15 -21.80 31.90
N ALA D 160 -3.21 -22.65 31.50
CA ALA D 160 -3.27 -24.10 31.75
C ALA D 160 -3.58 -24.51 33.21
N PRO D 161 -2.93 -23.87 34.20
CA PRO D 161 -3.25 -24.33 35.56
C PRO D 161 -4.67 -23.98 36.03
N PHE D 162 -5.36 -23.09 35.33
CA PHE D 162 -6.66 -22.62 35.80
C PHE D 162 -7.85 -23.13 35.02
N ILE D 163 -7.59 -23.82 33.90
CA ILE D 163 -8.67 -24.35 33.07
C ILE D 163 -9.57 -25.29 33.85
N GLU D 164 -10.87 -25.12 33.66
CA GLU D 164 -11.90 -25.93 34.32
C GLU D 164 -11.85 -25.87 35.84
N LYS D 165 -11.08 -24.94 36.39
CA LYS D 165 -10.99 -24.74 37.82
C LYS D 165 -11.42 -23.32 38.17
N ALA D 166 -11.29 -22.42 37.19
CA ALA D 166 -11.67 -21.02 37.36
C ALA D 166 -12.28 -20.48 36.08
N LYS D 167 -12.87 -19.29 36.17
CA LYS D 167 -13.31 -18.58 34.98
C LYS D 167 -12.08 -17.99 34.31
N VAL D 168 -11.77 -18.45 33.10
CA VAL D 168 -10.53 -18.06 32.44
C VAL D 168 -10.79 -17.31 31.14
N GLY D 169 -10.14 -16.16 31.00
CA GLY D 169 -10.28 -15.36 29.80
C GLY D 169 -8.95 -14.94 29.21
N VAL D 170 -8.88 -14.93 27.88
CA VAL D 170 -7.70 -14.46 27.17
C VAL D 170 -8.05 -13.19 26.41
N LEU D 171 -7.42 -12.08 26.80
CA LEU D 171 -7.71 -10.80 26.16
C LEU D 171 -6.93 -10.64 24.87
N LYS D 172 -7.66 -10.48 23.77
CA LYS D 172 -7.05 -10.32 22.45
C LYS D 172 -7.41 -8.96 21.83
N THR D 173 -6.41 -8.30 21.27
CA THR D 173 -6.63 -7.02 20.60
C THR D 173 -5.96 -6.98 19.25
N TYR D 174 -6.73 -6.66 18.22
CA TYR D 174 -6.24 -6.67 16.85
C TYR D 174 -6.70 -5.43 16.09
N ARG D 175 -6.12 -5.24 14.91
CA ARG D 175 -6.53 -4.19 13.99
C ARG D 175 -7.24 -4.84 12.82
N LYS D 176 -8.50 -4.46 12.59
CA LYS D 176 -9.26 -5.05 11.50
C LYS D 176 -8.63 -4.73 10.14
N ALA D 177 -8.32 -5.78 9.39
CA ALA D 177 -7.78 -5.66 8.03
C ALA D 177 -6.45 -4.88 7.98
N ARG D 178 -5.75 -4.82 9.11
CA ARG D 178 -4.46 -4.16 9.17
C ARG D 178 -3.43 -5.04 9.86
N VAL D 179 -2.15 -4.74 9.66
CA VAL D 179 -1.09 -5.52 10.28
C VAL D 179 -0.47 -4.84 11.50
N SER D 180 -0.55 -5.52 12.63
CA SER D 180 0.22 -5.17 13.81
C SER D 180 0.83 -6.46 14.35
N LYS D 181 2.08 -6.37 14.81
CA LYS D 181 2.81 -7.58 15.19
C LYS D 181 2.47 -8.03 16.61
N THR D 182 2.00 -7.08 17.43
CA THR D 182 1.59 -7.40 18.79
C THR D 182 0.28 -6.70 19.15
N SER D 183 -0.25 -7.02 20.33
CA SER D 183 -1.45 -6.37 20.83
C SER D 183 -1.09 -5.28 21.83
N GLY D 184 0.20 -5.03 21.96
CA GLY D 184 0.71 -4.04 22.88
C GLY D 184 0.11 -2.67 22.65
N THR D 185 -0.23 -1.97 23.72
CA THR D 185 -0.85 -0.67 23.65
C THR D 185 -0.03 0.33 22.84
N MET D 186 1.27 0.37 23.09
CA MET D 186 2.14 1.32 22.41
C MET D 186 2.35 0.93 20.94
N THR D 187 2.51 -0.38 20.70
CA THR D 187 2.64 -0.90 19.34
C THR D 187 1.42 -0.52 18.50
N LEU D 188 0.23 -0.75 19.04
CA LEU D 188 -1.00 -0.39 18.36
C LEU D 188 -1.10 1.12 18.16
N THR D 189 -0.58 1.87 19.13
CA THR D 189 -0.57 3.33 19.04
C THR D 189 0.32 3.79 17.89
N ILE D 190 1.52 3.23 17.82
CA ILE D 190 2.46 3.52 16.74
C ILE D 190 1.85 3.24 15.38
N ASP D 191 1.31 2.03 15.19
CA ASP D 191 0.77 1.62 13.92
C ASP D 191 -0.45 2.44 13.52
N THR D 192 -1.27 2.78 14.50
CA THR D 192 -2.46 3.60 14.26
C THR D 192 -2.07 4.98 13.73
N ILE D 193 -1.12 5.62 14.42
CA ILE D 193 -0.70 6.97 14.08
C ILE D 193 0.05 7.01 12.74
N VAL D 194 0.91 6.02 12.50
CA VAL D 194 1.62 5.92 11.23
C VAL D 194 0.65 5.75 10.06
N ASP D 195 -0.30 4.83 10.21
CA ASP D 195 -1.31 4.59 9.18
C ASP D 195 -2.14 5.85 8.90
N ALA D 196 -2.50 6.55 9.97
CA ALA D 196 -3.29 7.78 9.84
C ALA D 196 -2.52 8.85 9.07
N SER D 197 -1.23 8.96 9.34
CA SER D 197 -0.38 9.95 8.68
C SER D 197 -0.31 9.69 7.19
N ARG D 198 -0.35 8.42 6.81
CA ARG D 198 -0.31 8.02 5.41
C ARG D 198 -1.60 8.39 4.68
N GLU D 199 -2.74 8.19 5.33
CA GLU D 199 -4.03 8.51 4.74
C GLU D 199 -4.24 10.02 4.64
N ILE D 200 -3.78 10.74 5.65
CA ILE D 200 -3.86 12.20 5.65
C ILE D 200 -3.03 12.78 4.51
N THR D 201 -1.88 12.18 4.25
CA THR D 201 -1.01 12.57 3.15
C THR D 201 -1.74 12.62 1.81
N SER D 202 -2.68 11.70 1.62
CA SER D 202 -3.41 11.60 0.36
C SER D 202 -4.45 12.70 0.18
N LEU D 203 -4.78 13.41 1.27
CA LEU D 203 -5.77 14.49 1.20
C LEU D 203 -5.35 15.60 0.27
N ASP D 204 -6.33 16.26 -0.33
CA ASP D 204 -6.09 17.38 -1.25
C ASP D 204 -5.27 18.48 -0.58
N GLY D 205 -4.16 18.86 -1.22
CA GLY D 205 -3.36 19.98 -0.76
C GLY D 205 -2.30 19.65 0.27
N VAL D 206 -2.33 18.45 0.82
CA VAL D 206 -1.34 18.03 1.81
C VAL D 206 -0.02 17.68 1.14
N LEU D 207 1.08 18.21 1.69
CA LEU D 207 2.40 17.92 1.15
C LEU D 207 2.98 16.70 1.84
N TYR D 208 2.87 16.67 3.17
CA TYR D 208 3.27 15.51 3.96
C TYR D 208 2.69 15.59 5.36
N ALA D 209 2.70 14.46 6.06
CA ALA D 209 2.23 14.40 7.44
C ALA D 209 3.18 13.54 8.26
N ILE D 210 3.74 14.13 9.32
CA ILE D 210 4.70 13.43 10.15
C ILE D 210 4.04 12.83 11.38
N PRO D 211 4.22 11.51 11.58
CA PRO D 211 3.80 10.88 12.84
C PRO D 211 4.78 11.22 13.95
N ASN D 212 4.31 11.91 14.98
CA ASN D 212 5.19 12.40 16.03
C ASN D 212 5.43 11.36 17.11
N LEU D 213 6.25 10.35 16.80
CA LEU D 213 6.53 9.27 17.73
C LEU D 213 7.98 9.31 18.19
N ARG D 214 8.21 8.89 19.42
CA ARG D 214 9.55 8.75 19.96
C ARG D 214 9.69 7.41 20.70
N TYR D 215 10.92 7.04 21.04
CA TYR D 215 11.14 5.81 21.79
C TYR D 215 10.90 6.06 23.28
N TYR D 216 9.64 5.99 23.67
CA TYR D 216 9.20 6.34 25.02
C TYR D 216 9.70 5.39 26.10
N GLU D 217 9.93 4.13 25.74
CA GLU D 217 10.33 3.11 26.70
C GLU D 217 11.80 3.25 27.10
N GLY D 218 12.57 3.94 26.27
CA GLY D 218 13.95 4.25 26.61
C GLY D 218 14.00 5.28 27.71
N ILE D 219 13.05 6.21 27.67
CA ILE D 219 12.91 7.23 28.70
C ILE D 219 12.61 6.54 30.03
N LEU D 220 11.82 5.48 29.94
CA LEU D 220 11.35 4.76 31.13
C LEU D 220 12.35 3.74 31.66
N PHE D 221 12.91 2.91 30.78
CA PHE D 221 13.72 1.78 31.22
C PHE D 221 15.22 2.09 31.25
N HIS D 222 15.60 3.32 30.89
CA HIS D 222 16.98 3.77 30.92
C HIS D 222 17.24 5.12 31.60
N GLU D 223 16.17 5.86 31.88
CA GLU D 223 16.28 7.06 32.71
C GLU D 223 15.33 7.04 33.91
N ASN D 224 14.40 6.08 33.89
CA ASN D 224 13.38 5.97 34.91
C ASN D 224 12.67 7.31 35.10
N ASP D 225 12.53 8.04 34.01
CA ASP D 225 11.98 9.39 34.04
C ASP D 225 10.52 9.43 33.58
N ILE D 226 9.62 9.17 34.52
CA ILE D 226 8.18 9.14 34.23
C ILE D 226 7.69 10.50 33.76
N HIS D 227 8.22 11.58 34.36
CA HIS D 227 7.81 12.92 33.99
C HIS D 227 8.11 13.26 32.53
N LYS D 228 9.28 12.85 32.06
CA LYS D 228 9.69 13.08 30.68
C LYS D 228 8.85 12.23 29.74
N PHE D 229 8.54 11.00 30.16
CA PHE D 229 7.70 10.10 29.40
C PHE D 229 6.32 10.70 29.17
N LEU D 230 5.69 11.15 30.25
CA LEU D 230 4.36 11.73 30.19
C LEU D 230 4.34 13.02 29.38
N SER D 231 5.41 13.82 29.51
CA SER D 231 5.52 15.06 28.77
C SER D 231 5.64 14.85 27.27
N GLU D 232 6.50 13.91 26.87
CA GLU D 232 6.74 13.68 25.45
C GLU D 232 5.55 12.99 24.78
N ILE D 233 4.88 12.12 25.52
CA ILE D 233 3.74 11.39 24.98
C ILE D 233 2.52 12.30 24.90
N SER D 234 2.62 13.49 25.48
CA SER D 234 1.56 14.49 25.42
C SER D 234 1.63 15.32 24.14
N GLN D 235 2.62 15.05 23.31
CA GLN D 235 2.80 15.78 22.06
C GLN D 235 1.68 15.44 21.07
N PRO D 236 1.36 16.39 20.17
CA PRO D 236 0.38 16.13 19.11
C PRO D 236 0.74 14.91 18.27
N ALA D 237 -0.25 14.08 17.95
CA ALA D 237 -0.01 12.81 17.26
C ALA D 237 0.63 12.99 15.89
N ILE D 238 0.15 13.97 15.13
CA ILE D 238 0.61 14.16 13.74
C ILE D 238 0.80 15.64 13.42
N THR D 239 1.89 15.96 12.74
CA THR D 239 2.12 17.32 12.25
C THR D 239 2.01 17.35 10.73
N ILE D 240 1.18 18.26 10.22
CA ILE D 240 0.83 18.27 8.80
C ILE D 240 1.29 19.54 8.09
N SER D 241 1.99 19.36 6.97
CA SER D 241 2.32 20.46 6.08
C SER D 241 1.33 20.46 4.92
N THR D 242 0.59 21.54 4.77
CA THR D 242 -0.56 21.54 3.86
C THR D 242 -0.94 22.91 3.33
N LEU D 243 -1.54 22.92 2.14
CA LEU D 243 -2.03 24.14 1.53
C LEU D 243 -3.43 24.47 2.04
N ASN D 244 -4.09 23.46 2.61
CA ASN D 244 -5.48 23.59 3.01
C ASN D 244 -5.73 23.25 4.47
N ASP D 245 -6.79 23.81 5.04
CA ASP D 245 -7.21 23.48 6.39
C ASP D 245 -7.83 22.09 6.38
N VAL D 246 -7.05 21.09 6.79
CA VAL D 246 -7.52 19.71 6.78
C VAL D 246 -7.62 19.13 8.19
N LEU D 247 -7.66 20.01 9.19
CA LEU D 247 -7.69 19.58 10.59
C LEU D 247 -8.85 18.63 10.90
N ASP D 248 -10.05 19.03 10.49
CA ASP D 248 -11.25 18.22 10.74
C ASP D 248 -11.17 16.85 10.07
N GLU D 249 -10.77 16.84 8.81
CA GLU D 249 -10.63 15.58 8.06
C GLU D 249 -9.54 14.71 8.67
N ALA D 250 -8.48 15.34 9.13
CA ALA D 250 -7.37 14.62 9.75
C ALA D 250 -7.81 13.96 11.05
N GLU D 251 -8.59 14.68 11.84
CA GLU D 251 -9.10 14.13 13.10
C GLU D 251 -10.08 12.99 12.85
N GLU D 252 -10.90 13.10 11.81
CA GLU D 252 -11.78 12.01 11.45
C GLU D 252 -11.00 10.78 10.98
N ILE D 253 -9.97 11.01 10.18
CA ILE D 253 -9.13 9.92 9.72
C ILE D 253 -8.44 9.22 10.89
N LEU D 254 -7.93 10.02 11.83
CA LEU D 254 -7.29 9.46 13.02
C LEU D 254 -8.29 8.65 13.85
N SER D 255 -9.50 9.17 13.99
CA SER D 255 -10.56 8.48 14.71
C SER D 255 -10.94 7.17 14.03
N ASN D 256 -11.05 7.20 12.70
CA ASN D 256 -11.40 6.01 11.94
C ASN D 256 -10.36 4.91 12.08
N ASN D 257 -9.08 5.29 12.11
CA ASN D 257 -8.01 4.33 12.29
C ASN D 257 -8.02 3.75 13.70
N ILE D 258 -8.33 4.60 14.67
CA ILE D 258 -8.49 4.16 16.06
C ILE D 258 -9.60 3.12 16.17
N ASN D 259 -10.69 3.36 15.45
CA ASN D 259 -11.85 2.46 15.50
C ASN D 259 -11.65 1.16 14.73
N LEU D 260 -10.49 1.02 14.09
CA LEU D 260 -10.11 -0.25 13.47
C LEU D 260 -9.67 -1.25 14.54
N ILE D 261 -9.37 -0.74 15.72
CA ILE D 261 -8.87 -1.57 16.81
C ILE D 261 -10.03 -2.30 17.49
N TYR D 262 -9.89 -3.62 17.59
CA TYR D 262 -10.95 -4.47 18.11
C TYR D 262 -10.40 -5.31 19.26
N SER D 263 -11.05 -5.23 20.41
CA SER D 263 -10.59 -5.95 21.60
C SER D 263 -11.69 -6.84 22.13
N PHE D 264 -11.34 -8.07 22.47
CA PHE D 264 -12.29 -9.03 23.01
C PHE D 264 -11.63 -10.09 23.89
N VAL D 265 -12.43 -10.71 24.76
CA VAL D 265 -11.94 -11.77 25.62
C VAL D 265 -12.49 -13.14 25.18
N GLU D 266 -11.61 -14.06 24.82
CA GLU D 266 -12.05 -15.43 24.56
C GLU D 266 -12.10 -16.21 25.86
N GLU D 267 -13.26 -16.79 26.17
CA GLU D 267 -13.39 -17.59 27.39
C GLU D 267 -12.94 -19.03 27.16
N LEU D 268 -12.08 -19.52 28.05
CA LEU D 268 -11.60 -20.89 27.97
C LEU D 268 -12.33 -21.79 28.96
N SAM E . -6.48 8.81 -26.21
CA SAM E . -7.47 7.73 -26.19
C SAM E . -8.11 7.55 -24.83
O SAM E . -7.69 8.14 -23.82
OXT SAM E . -9.08 6.81 -24.69
CB SAM E . -6.87 6.41 -26.65
CG SAM E . -5.76 6.51 -27.69
SD SAM E . -5.64 5.00 -28.68
CE SAM E . -3.98 4.45 -28.24
C5' SAM E . -5.37 5.69 -30.32
C4' SAM E . -6.55 5.59 -31.28
O4' SAM E . -6.31 6.49 -32.34
C3' SAM E . -6.68 4.20 -31.89
O3' SAM E . -8.03 3.92 -32.13
C2' SAM E . -5.97 4.32 -33.22
O2' SAM E . -6.60 3.51 -34.19
C1' SAM E . -6.12 5.79 -33.56
N9 SAM E . -4.93 6.32 -34.25
C8 SAM E . -3.62 5.98 -34.00
N7 SAM E . -2.85 6.70 -34.85
C5 SAM E . -3.63 7.47 -35.63
C6 SAM E . -3.35 8.38 -36.64
N6 SAM E . -2.09 8.61 -37.01
N1 SAM E . -4.39 9.05 -37.26
C2 SAM E . -5.69 8.81 -36.88
N3 SAM E . -5.96 7.91 -35.87
C4 SAM E . -4.95 7.24 -35.26
S SO4 F . -5.08 3.07 -23.67
O1 SO4 F . -5.52 3.30 -22.29
O2 SO4 F . -4.83 1.65 -23.87
O3 SO4 F . -3.85 3.83 -23.92
O4 SO4 F . -6.12 3.52 -24.59
S SO4 G . -7.41 -1.73 -40.95
O1 SO4 G . -8.80 -2.05 -40.63
O2 SO4 G . -6.57 -2.02 -39.79
O3 SO4 G . -7.30 -0.32 -41.30
O4 SO4 G . -6.97 -2.55 -42.07
S SO4 H . -13.97 15.90 -56.56
O1 SO4 H . -15.00 16.92 -56.74
O2 SO4 H . -14.50 14.81 -55.75
O3 SO4 H . -13.57 15.39 -57.86
O4 SO4 H . -12.81 16.49 -55.89
N SAM I . 13.72 21.88 -3.92
CA SAM I . 14.37 21.61 -2.65
C SAM I . 14.54 20.12 -2.37
O SAM I . 13.97 19.27 -3.06
OXT SAM I . 15.26 19.74 -1.44
CB SAM I . 13.62 22.26 -1.48
CG SAM I . 13.09 23.66 -1.77
SD SAM I . 12.85 24.61 -0.25
CE SAM I . 11.04 24.67 -0.22
C5' SAM I . 13.23 26.28 -0.84
C4' SAM I . 14.62 26.79 -0.51
O4' SAM I . 14.89 27.87 -1.39
C3' SAM I . 14.69 27.35 0.91
O3' SAM I . 15.99 27.16 1.42
C2' SAM I . 14.46 28.83 0.73
O2' SAM I . 15.19 29.57 1.69
C1' SAM I . 14.98 29.09 -0.67
N9 SAM I . 14.20 30.13 -1.38
C8 SAM I . 12.85 30.34 -1.31
N7 SAM I . 12.55 31.39 -2.12
C5 SAM I . 13.69 31.83 -2.70
C6 SAM I . 13.96 32.86 -3.59
N6 SAM I . 12.97 33.63 -4.04
N1 SAM I . 15.25 33.09 -4.01
C2 SAM I . 16.28 32.29 -3.54
N3 SAM I . 16.00 31.27 -2.65
C4 SAM I . 14.73 31.05 -2.23
S SO4 J . 10.46 19.93 1.48
O1 SO4 J . 10.19 20.18 2.90
O2 SO4 J . 10.69 18.51 1.27
O3 SO4 J . 9.33 20.37 0.68
O4 SO4 J . 11.65 20.68 1.09
S SO4 K . 4.04 18.00 -15.77
O1 SO4 K . 2.94 17.17 -15.32
O2 SO4 K . 4.86 18.40 -14.64
O3 SO4 K . 3.51 19.19 -16.44
O4 SO4 K . 4.86 17.24 -16.72
S SO4 L . 17.37 35.71 7.39
O1 SO4 L . 18.46 34.75 7.48
O2 SO4 L . 16.10 35.01 7.25
O3 SO4 L . 17.58 36.58 6.24
O4 SO4 L . 17.35 36.52 8.61
S SO4 M . 17.73 23.12 21.36
O1 SO4 M . 18.33 23.32 22.68
O2 SO4 M . 16.48 22.40 21.49
O3 SO4 M . 18.65 22.37 20.52
O4 SO4 M . 17.48 24.43 20.75
S SO4 N . 13.57 15.47 21.07
O1 SO4 N . 12.88 14.51 21.92
O2 SO4 N . 14.75 14.84 20.48
O3 SO4 N . 12.68 15.92 20.00
O4 SO4 N . 13.98 16.62 21.88
S SO4 O . 10.28 -2.15 -1.28
O1 SO4 O . 9.07 -2.97 -1.30
O2 SO4 O . 11.42 -2.96 -0.86
O3 SO4 O . 10.09 -1.05 -0.33
O4 SO4 O . 10.52 -1.60 -2.61
N SAM P . -7.60 -24.79 2.19
CA SAM P . -7.53 -24.94 0.74
C SAM P . -6.38 -24.14 0.13
O SAM P . -6.09 -24.29 -1.06
OXT SAM P . -5.72 -23.34 0.79
CB SAM P . -8.84 -24.54 0.08
CG SAM P . -10.09 -25.01 0.80
SD SAM P . -11.52 -25.09 -0.31
CE SAM P . -12.45 -23.66 0.33
C5' SAM P . -12.44 -26.45 0.44
C4' SAM P . -12.28 -27.78 -0.28
O4' SAM P . -12.67 -28.80 0.60
C3' SAM P . -13.19 -27.87 -1.49
O3' SAM P . -12.57 -28.65 -2.48
C2' SAM P . -14.41 -28.61 -0.98
O2' SAM P . -14.97 -29.42 -1.99
C1' SAM P . -13.84 -29.46 0.15
N9 SAM P . -14.78 -29.61 1.27
C8 SAM P . -15.62 -28.65 1.78
N7 SAM P . -16.30 -29.20 2.81
C5 SAM P . -15.91 -30.49 2.97
C6 SAM P . -16.27 -31.48 3.86
N6 SAM P . -17.19 -31.24 4.79
N1 SAM P . -15.68 -32.72 3.78
C2 SAM P . -14.72 -32.97 2.81
N3 SAM P . -14.36 -31.97 1.93
C4 SAM P . -14.95 -30.75 2.01
S SO4 Q . -5.20 -17.75 16.00
O1 SO4 Q . -6.25 -18.09 16.96
O2 SO4 Q . -3.90 -18.19 16.52
O3 SO4 Q . -5.17 -16.30 15.79
O4 SO4 Q . -5.47 -18.42 14.73
S SO4 R . -20.96 -33.16 -6.87
O1 SO4 R . -22.27 -33.21 -7.51
O2 SO4 R . -20.93 -34.16 -5.80
O3 SO4 R . -20.73 -31.83 -6.31
O4 SO4 R . -19.93 -33.47 -7.85
S SO4 S . -9.82 -20.18 -1.63
O1 SO4 S . -10.10 -20.14 -0.19
O2 SO4 S . -9.76 -21.56 -2.08
O3 SO4 S . -10.88 -19.47 -2.35
O4 SO4 S . -8.53 -19.52 -1.89
N SAM T . 0.50 -5.65 27.87
CA SAM T . 0.90 -4.26 28.01
C SAM T . 0.16 -3.33 27.04
O SAM T . -0.49 -3.77 26.10
OXT SAM T . 0.20 -2.11 27.21
CB SAM T . 2.40 -4.09 27.81
CG SAM T . 3.27 -5.16 28.46
SD SAM T . 4.90 -4.49 28.88
CE SAM T . 5.92 -5.32 27.63
C5' SAM T . 5.29 -5.47 30.35
C4' SAM T . 5.07 -4.75 31.68
O4' SAM T . 4.98 -5.73 32.69
C3' SAM T . 6.23 -3.85 32.04
O3' SAM T . 5.75 -2.76 32.80
C2' SAM T . 7.10 -4.71 32.94
O2' SAM T . 7.74 -3.92 33.91
C1' SAM T . 6.09 -5.65 33.57
N9 SAM T . 6.61 -7.01 33.78
C8 SAM T . 7.45 -7.72 32.96
N7 SAM T . 7.67 -8.93 33.52
C5 SAM T . 6.99 -9.00 34.69
C6 SAM T . 6.86 -10.00 35.65
N6 SAM T . 7.50 -11.15 35.50
N1 SAM T . 6.08 -9.77 36.76
C2 SAM T . 5.42 -8.58 36.91
N3 SAM T . 5.54 -7.58 35.95
C4 SAM T . 6.32 -7.80 34.86
S SO4 U . 4.48 -2.73 23.55
O1 SO4 U . 3.98 -2.50 24.91
O2 SO4 U . 4.77 -4.14 23.37
O3 SO4 U . 3.47 -2.32 22.58
O4 SO4 U . 5.69 -1.94 23.34
S SO4 V . 14.10 -1.10 39.01
O1 SO4 V . 13.53 -2.25 39.71
O2 SO4 V . 13.25 0.07 39.23
O3 SO4 V . 14.17 -1.38 37.58
O4 SO4 V . 15.44 -0.83 39.51
S SO4 W . -16.84 0.45 35.08
O1 SO4 W . -17.71 -0.72 35.17
O2 SO4 W . -15.53 0.12 35.63
O3 SO4 W . -17.42 1.55 35.85
O4 SO4 W . -16.70 0.84 33.68
S SO4 X . -9.75 -16.96 46.60
O1 SO4 X . -8.54 -17.70 46.96
O2 SO4 X . -10.92 -17.59 47.21
O3 SO4 X . -9.91 -16.96 45.15
O4 SO4 X . -9.63 -15.58 47.07
#